data_5CZO
#
_entry.id   5CZO
#
_cell.length_a   52.701
_cell.length_b   83.841
_cell.length_c   132.508
_cell.angle_alpha   90.00
_cell.angle_beta   92.57
_cell.angle_gamma   90.00
#
_symmetry.space_group_name_H-M   'P 1 21 1'
#
loop_
_entity.id
_entity.type
_entity.pdbx_description
1 polymer 'Casein kinase I homolog HRR25'
2 polymer 'Monopolin complex subunit MAM1'
3 non-polymer 'ZINC ION'
4 water water
#
loop_
_entity_poly.entity_id
_entity_poly.type
_entity_poly.pdbx_seq_one_letter_code
_entity_poly.pdbx_strand_id
1 'polypeptide(L)'
;AMDLRVGR(MLY)FRIGRKIGSGSFGDIYHGTNLISGEEVAIRLESIRSRHPQLDYESRVYRYLSGGVGIPFIRWFGREG
EYNAMVIDLLGPSLEDLFNYCHRRFSFKTVIMLALQMFCRIQYIHGRSFIHRDIKPDNFLMGVGRRGSTVHVIDFGLS
(MLY)(MLY)YRDFNTHRHIPYRENKSLTGTARYASVNTHLGIEQSRRDDLESLGYVLIYFCKGSLPWQGLKATTKKQKY
DRIME(MLY)KLNVSVETLCSGLPLEFQEYMAYC(MLY)NLKFDE(MLY)PDYLFLARLFKDLSIKLEYHNDHLFDWTML
RYTKAMVEKQRDLLIEKGDLNANSNAASASNSTDNKSETFNKI(MLY)LLAMKKFPTHFHYY(MLY)NEDKHNPSPEEI
(MLY)QQTILNNNAASSLPEELLNALDKGMENLR
;
A,B
2 'polypeptide(L)'
;EATECLTRSNLKKLQEKIFDRELNDIACDHCLCSTENRRDIKYSRLWFLFELEMSENWNENLRLSCYN(MLY)YVYSAID
ESW(MLY)MENILLKEQEKHYEYFPIGQLLIPN
;
C,D
#
loop_
_chem_comp.id
_chem_comp.type
_chem_comp.name
_chem_comp.formula
ZN non-polymer 'ZINC ION' 'Zn 2'
#
# COMPACT_ATOMS: atom_id res chain seq x y z
N ALA A 1 57.41 -18.46 12.52
CA ALA A 1 57.29 -17.56 13.67
C ALA A 1 56.35 -16.41 13.38
N MET A 2 56.76 -15.53 12.45
CA MET A 2 55.93 -14.39 12.07
C MET A 2 55.12 -14.73 10.82
N ASP A 3 55.19 -15.99 10.41
CA ASP A 3 54.49 -16.45 9.21
C ASP A 3 53.47 -17.52 9.57
N LEU A 4 52.35 -17.10 10.15
CA LEU A 4 51.27 -18.03 10.50
C LEU A 4 50.27 -18.13 9.36
N ARG A 5 49.98 -19.36 8.94
CA ARG A 5 49.11 -19.57 7.80
C ARG A 5 47.90 -20.43 8.13
N VAL A 6 46.83 -20.25 7.36
CA VAL A 6 45.60 -21.01 7.52
C VAL A 6 45.17 -21.65 6.19
N GLY A 7 45.03 -22.96 6.17
CA GLY A 7 44.58 -23.67 4.98
C GLY A 7 45.64 -23.66 3.89
N ARG A 8 46.89 -23.42 4.30
CA ARG A 8 48.04 -23.42 3.38
C ARG A 8 47.93 -22.45 2.20
N MLY A 9 47.03 -21.48 2.29
CA MLY A 9 46.78 -20.57 1.17
CB MLY A 9 45.48 -20.92 0.47
CG MLY A 9 45.46 -22.26 -0.25
CD MLY A 9 44.14 -22.47 -0.99
CE MLY A 9 44.22 -23.54 -2.07
NZ MLY A 9 43.03 -23.50 -2.97
CH1 MLY A 9 43.27 -24.49 -4.03
CH2 MLY A 9 41.86 -23.95 -2.23
C MLY A 9 46.72 -19.13 1.67
O MLY A 9 46.93 -18.18 0.91
N PHE A 10 46.39 -18.97 2.95
CA PHE A 10 46.20 -17.64 3.50
C PHE A 10 47.15 -17.37 4.68
N ARG A 11 47.72 -16.16 4.74
CA ARG A 11 48.56 -15.79 5.87
C ARG A 11 47.79 -14.85 6.80
N ILE A 12 48.01 -15.00 8.10
CA ILE A 12 47.27 -14.19 9.08
C ILE A 12 47.93 -12.83 9.31
N GLY A 13 47.14 -11.77 9.22
CA GLY A 13 47.62 -10.42 9.44
C GLY A 13 47.12 -9.86 10.75
N ARG A 14 46.82 -8.56 10.77
CA ARG A 14 46.40 -7.88 11.99
C ARG A 14 45.02 -8.35 12.44
N LYS A 15 44.77 -8.26 13.74
CA LYS A 15 43.46 -8.57 14.31
C LYS A 15 42.53 -7.40 14.10
N ILE A 16 41.34 -7.67 13.56
CA ILE A 16 40.40 -6.61 13.22
C ILE A 16 39.11 -6.66 14.05
N GLY A 17 38.70 -7.85 14.45
CA GLY A 17 37.46 -8.00 15.18
C GLY A 17 37.48 -9.12 16.19
N SER A 18 36.70 -8.96 17.25
CA SER A 18 36.59 -9.97 18.30
C SER A 18 35.14 -10.40 18.47
N GLY A 19 34.79 -11.55 17.91
CA GLY A 19 33.47 -12.12 18.10
C GLY A 19 33.33 -12.65 19.51
N SER A 20 32.13 -13.08 19.88
CA SER A 20 31.92 -13.66 21.20
C SER A 20 32.63 -15.00 21.29
N PHE A 21 33.65 -15.06 22.15
CA PHE A 21 34.48 -16.25 22.34
C PHE A 21 35.22 -16.64 21.06
N GLY A 22 35.40 -15.66 20.17
CA GLY A 22 36.09 -15.88 18.92
C GLY A 22 36.81 -14.64 18.44
N ASP A 23 37.70 -14.81 17.46
CA ASP A 23 38.48 -13.70 16.94
C ASP A 23 38.43 -13.62 15.41
N ILE A 24 38.53 -12.39 14.90
CA ILE A 24 38.52 -12.16 13.46
C ILE A 24 39.81 -11.48 13.02
N TYR A 25 40.48 -12.09 12.04
CA TYR A 25 41.77 -11.58 11.58
C TYR A 25 41.77 -11.21 10.09
N HIS A 26 42.42 -10.10 9.77
CA HIS A 26 42.67 -9.74 8.38
C HIS A 26 43.74 -10.67 7.81
N GLY A 27 43.59 -11.06 6.55
CA GLY A 27 44.54 -11.98 5.94
C GLY A 27 44.66 -11.77 4.45
N THR A 28 45.68 -12.39 3.85
CA THR A 28 45.89 -12.30 2.42
C THR A 28 46.18 -13.67 1.81
N ASN A 29 45.67 -13.89 0.60
CA ASN A 29 45.99 -15.09 -0.15
C ASN A 29 47.47 -15.08 -0.53
N LEU A 30 48.16 -16.19 -0.28
CA LEU A 30 49.59 -16.28 -0.52
C LEU A 30 49.94 -16.18 -2.00
N ILE A 31 49.04 -16.68 -2.85
CA ILE A 31 49.30 -16.75 -4.28
C ILE A 31 48.79 -15.54 -5.05
N SER A 32 47.53 -15.18 -4.84
CA SER A 32 46.90 -14.10 -5.61
C SER A 32 47.01 -12.74 -4.92
N GLY A 33 47.11 -12.75 -3.60
CA GLY A 33 47.24 -11.51 -2.85
C GLY A 33 45.91 -10.88 -2.47
N GLU A 34 44.83 -11.64 -2.65
CA GLU A 34 43.51 -11.15 -2.31
C GLU A 34 43.33 -11.04 -0.80
N GLU A 35 42.70 -9.95 -0.35
CA GLU A 35 42.46 -9.75 1.08
C GLU A 35 41.29 -10.60 1.56
N VAL A 36 41.49 -11.29 2.69
CA VAL A 36 40.45 -12.15 3.24
C VAL A 36 40.23 -11.89 4.73
N ALA A 37 39.06 -12.27 5.22
CA ALA A 37 38.76 -12.22 6.64
C ALA A 37 38.82 -13.61 7.23
N ILE A 38 39.56 -13.78 8.32
CA ILE A 38 39.74 -15.11 8.91
C ILE A 38 39.11 -15.20 10.30
N ARG A 39 38.07 -16.02 10.42
CA ARG A 39 37.40 -16.24 11.69
C ARG A 39 37.97 -17.46 12.40
N LEU A 40 38.37 -17.28 13.66
CA LEU A 40 38.93 -18.38 14.44
C LEU A 40 38.06 -18.73 15.64
N GLU A 41 37.71 -19.99 15.77
CA GLU A 41 36.94 -20.47 16.92
C GLU A 41 37.64 -21.64 17.59
N SER A 42 37.89 -21.51 18.89
CA SER A 42 38.52 -22.58 19.65
C SER A 42 37.57 -23.75 19.81
N ILE A 43 38.09 -24.96 19.77
CA ILE A 43 37.28 -26.17 19.89
C ILE A 43 36.72 -26.33 21.31
N ARG A 44 37.34 -25.65 22.27
CA ARG A 44 36.94 -25.74 23.66
C ARG A 44 35.88 -24.71 24.01
N SER A 45 34.90 -24.53 23.13
CA SER A 45 33.82 -23.59 23.38
C SER A 45 32.52 -24.33 23.66
N ARG A 46 31.73 -23.80 24.60
CA ARG A 46 30.50 -24.45 25.02
C ARG A 46 29.45 -24.49 23.89
N HIS A 47 29.51 -23.52 22.99
CA HIS A 47 28.58 -23.47 21.88
C HIS A 47 29.27 -23.16 20.56
N PRO A 48 29.92 -24.17 19.95
CA PRO A 48 30.55 -23.99 18.64
C PRO A 48 29.51 -23.83 17.53
N GLN A 49 29.76 -22.92 16.59
CA GLN A 49 28.78 -22.64 15.55
C GLN A 49 29.45 -22.37 14.22
N LEU A 50 30.77 -22.25 14.23
CA LEU A 50 31.54 -21.90 13.03
C LEU A 50 31.41 -22.95 11.95
N ASP A 51 31.35 -24.22 12.35
CA ASP A 51 31.16 -25.32 11.40
C ASP A 51 29.77 -25.24 10.79
N TYR A 52 28.79 -24.91 11.63
CA TYR A 52 27.39 -24.86 11.19
C TYR A 52 27.16 -23.77 10.16
N GLU A 53 27.53 -22.53 10.51
CA GLU A 53 27.33 -21.41 9.59
C GLU A 53 28.22 -21.54 8.36
N SER A 54 29.31 -22.28 8.48
CA SER A 54 30.14 -22.61 7.34
C SER A 54 29.33 -23.33 6.28
N ARG A 55 28.47 -24.24 6.73
CA ARG A 55 27.58 -24.97 5.84
C ARG A 55 26.48 -24.07 5.30
N VAL A 56 26.07 -23.10 6.09
CA VAL A 56 25.00 -22.18 5.70
C VAL A 56 25.46 -21.22 4.60
N TYR A 57 26.65 -20.64 4.78
CA TYR A 57 27.22 -19.74 3.78
C TYR A 57 27.32 -20.42 2.42
N ARG A 58 27.78 -21.67 2.44
CA ARG A 58 27.96 -22.45 1.21
C ARG A 58 26.63 -22.85 0.59
N TYR A 59 25.59 -22.93 1.41
CA TYR A 59 24.25 -23.22 0.90
C TYR A 59 23.63 -21.95 0.33
N LEU A 60 23.91 -20.82 0.96
CA LEU A 60 23.39 -19.53 0.50
C LEU A 60 24.34 -18.87 -0.50
N SER A 61 25.29 -19.65 -1.01
CA SER A 61 26.26 -19.16 -1.98
C SER A 61 25.59 -18.79 -3.30
N GLY A 62 26.04 -17.69 -3.90
CA GLY A 62 25.49 -17.23 -5.17
C GLY A 62 24.50 -16.09 -4.99
N GLY A 63 24.41 -15.57 -3.77
CA GLY A 63 23.50 -14.48 -3.47
C GLY A 63 24.24 -13.18 -3.22
N VAL A 64 23.58 -12.06 -3.56
CA VAL A 64 24.15 -10.75 -3.34
C VAL A 64 24.23 -10.43 -1.85
N GLY A 65 25.40 -10.03 -1.38
CA GLY A 65 25.59 -9.68 0.00
C GLY A 65 25.84 -10.86 0.90
N ILE A 66 25.90 -12.05 0.31
CA ILE A 66 26.22 -13.26 1.06
C ILE A 66 27.70 -13.60 0.87
N PRO A 67 28.50 -13.42 1.92
CA PRO A 67 29.95 -13.65 1.91
C PRO A 67 30.34 -15.03 1.41
N PHE A 68 31.12 -15.07 0.34
CA PHE A 68 31.58 -16.34 -0.23
C PHE A 68 32.71 -16.92 0.61
N ILE A 69 32.48 -18.11 1.15
CA ILE A 69 33.51 -18.80 1.94
C ILE A 69 34.62 -19.29 1.04
N ARG A 70 35.86 -18.92 1.38
CA ARG A 70 37.01 -19.29 0.57
C ARG A 70 37.62 -20.59 1.07
N TRP A 71 37.50 -20.85 2.36
CA TRP A 71 38.01 -22.08 2.97
C TRP A 71 37.52 -22.28 4.40
N PHE A 72 37.19 -23.53 4.74
CA PHE A 72 36.93 -23.88 6.13
C PHE A 72 37.64 -25.18 6.47
N GLY A 73 38.11 -25.27 7.71
CA GLY A 73 38.82 -26.45 8.19
C GLY A 73 39.42 -26.16 9.55
N ARG A 74 40.14 -27.13 10.09
CA ARG A 74 40.70 -26.98 11.42
C ARG A 74 42.20 -26.70 11.38
N GLU A 75 42.65 -25.79 12.24
CA GLU A 75 44.07 -25.44 12.33
C GLU A 75 44.53 -25.46 13.79
N GLY A 76 45.13 -26.57 14.20
CA GLY A 76 45.63 -26.72 15.55
C GLY A 76 44.53 -26.75 16.59
N GLU A 77 44.47 -25.69 17.40
CA GLU A 77 43.46 -25.57 18.45
C GLU A 77 42.17 -24.99 17.90
N TYR A 78 42.25 -24.31 16.76
CA TYR A 78 41.13 -23.53 16.27
C TYR A 78 40.41 -24.13 15.06
N ASN A 79 39.12 -23.83 14.95
CA ASN A 79 38.38 -23.99 13.72
C ASN A 79 38.51 -22.69 12.93
N ALA A 80 38.92 -22.80 11.67
CA ALA A 80 39.21 -21.61 10.88
C ALA A 80 38.26 -21.45 9.70
N MET A 81 37.58 -20.32 9.65
CA MET A 81 36.74 -19.97 8.51
C MET A 81 37.30 -18.76 7.80
N VAL A 82 37.47 -18.87 6.48
CA VAL A 82 38.06 -17.80 5.69
C VAL A 82 37.08 -17.29 4.64
N ILE A 83 36.72 -16.01 4.74
CA ILE A 83 35.86 -15.38 3.76
C ILE A 83 36.55 -14.16 3.16
N ASP A 84 35.96 -13.60 2.11
CA ASP A 84 36.48 -12.37 1.52
C ASP A 84 36.31 -11.21 2.50
N LEU A 85 37.29 -10.31 2.53
CA LEU A 85 37.31 -9.22 3.50
C LEU A 85 36.08 -8.31 3.38
N LEU A 86 35.56 -7.89 4.52
CA LEU A 86 34.42 -6.98 4.56
C LEU A 86 34.78 -5.73 5.34
N GLY A 87 34.07 -4.63 5.07
CA GLY A 87 34.29 -3.39 5.79
C GLY A 87 33.66 -3.42 7.17
N PRO A 88 33.51 -2.23 7.78
CA PRO A 88 32.91 -2.14 9.12
C PRO A 88 31.43 -2.49 9.13
N SER A 89 30.88 -2.75 10.30
CA SER A 89 29.45 -3.04 10.42
C SER A 89 28.67 -1.74 10.44
N LEU A 90 27.34 -1.84 10.45
CA LEU A 90 26.49 -0.66 10.49
C LEU A 90 26.51 -0.04 11.89
N GLU A 91 26.75 -0.87 12.90
CA GLU A 91 26.90 -0.39 14.26
C GLU A 91 28.19 0.42 14.38
N ASP A 92 29.20 0.00 13.63
CA ASP A 92 30.46 0.72 13.57
C ASP A 92 30.28 2.06 12.86
N LEU A 93 29.56 2.03 11.75
CA LEU A 93 29.29 3.23 10.98
C LEU A 93 28.29 4.14 11.70
N PHE A 94 27.50 3.54 12.58
CA PHE A 94 26.58 4.30 13.41
C PHE A 94 27.38 5.15 14.38
N ASN A 95 28.37 4.53 15.02
CA ASN A 95 29.26 5.24 15.93
C ASN A 95 30.12 6.26 15.20
N TYR A 96 30.41 5.98 13.93
CA TYR A 96 31.20 6.91 13.11
C TYR A 96 30.42 8.18 12.84
N CYS A 97 29.11 8.05 12.67
CA CYS A 97 28.24 9.20 12.42
C CYS A 97 27.62 9.72 13.71
N HIS A 98 28.24 9.37 14.84
CA HIS A 98 27.77 9.74 16.17
C HIS A 98 26.32 9.33 16.42
N ARG A 99 25.99 8.12 15.99
CA ARG A 99 24.73 7.46 16.32
C ARG A 99 23.47 8.21 15.86
N ARG A 100 23.54 8.83 14.68
CA ARG A 100 22.37 9.41 14.02
C ARG A 100 22.50 9.25 12.50
N PHE A 101 21.49 8.65 11.89
CA PHE A 101 21.49 8.46 10.43
C PHE A 101 20.45 9.34 9.76
N SER A 102 20.80 9.85 8.58
CA SER A 102 19.87 10.65 7.80
C SER A 102 18.72 9.79 7.28
N PHE A 103 17.62 10.43 6.93
CA PHE A 103 16.46 9.72 6.38
C PHE A 103 16.83 9.02 5.08
N LYS A 104 17.71 9.66 4.31
CA LYS A 104 18.16 9.11 3.03
C LYS A 104 18.91 7.80 3.22
N THR A 105 19.89 7.80 4.11
CA THR A 105 20.71 6.62 4.38
C THR A 105 19.88 5.46 4.89
N VAL A 106 18.96 5.75 5.81
CA VAL A 106 18.10 4.73 6.40
C VAL A 106 17.27 4.04 5.32
N ILE A 107 16.69 4.81 4.40
CA ILE A 107 15.90 4.25 3.33
C ILE A 107 16.77 3.45 2.35
N MET A 108 17.95 3.98 2.03
CA MET A 108 18.88 3.27 1.16
C MET A 108 19.32 1.96 1.78
N LEU A 109 19.53 1.98 3.10
CA LEU A 109 19.93 0.79 3.83
C LEU A 109 18.77 -0.20 3.90
N ALA A 110 17.57 0.32 4.15
CA ALA A 110 16.38 -0.52 4.26
C ALA A 110 16.11 -1.30 2.98
N LEU A 111 16.30 -0.63 1.84
CA LEU A 111 16.05 -1.26 0.54
C LEU A 111 17.03 -2.39 0.25
N GLN A 112 18.25 -2.26 0.74
CA GLN A 112 19.25 -3.31 0.56
C GLN A 112 18.99 -4.48 1.51
N MET A 113 18.58 -4.17 2.73
CA MET A 113 18.32 -5.18 3.74
C MET A 113 17.10 -6.03 3.39
N PHE A 114 16.12 -5.41 2.75
CA PHE A 114 14.92 -6.11 2.32
C PHE A 114 15.26 -7.26 1.39
N CYS A 115 16.17 -7.00 0.44
CA CYS A 115 16.57 -8.01 -0.53
C CYS A 115 17.41 -9.12 0.11
N ARG A 116 18.29 -8.74 1.03
CA ARG A 116 19.11 -9.70 1.75
C ARG A 116 18.25 -10.69 2.52
N ILE A 117 17.29 -10.16 3.26
CA ILE A 117 16.39 -10.98 4.07
C ILE A 117 15.51 -11.88 3.19
N GLN A 118 14.97 -11.31 2.11
CA GLN A 118 14.11 -12.06 1.20
C GLN A 118 14.87 -13.22 0.56
N TYR A 119 16.13 -13.00 0.22
CA TYR A 119 16.95 -14.05 -0.38
C TYR A 119 17.14 -15.21 0.59
N ILE A 120 17.47 -14.88 1.83
CA ILE A 120 17.66 -15.88 2.87
C ILE A 120 16.38 -16.67 3.11
N HIS A 121 15.25 -15.97 3.12
CA HIS A 121 13.94 -16.61 3.26
C HIS A 121 13.62 -17.46 2.03
N GLY A 122 14.06 -17.01 0.87
CA GLY A 122 13.84 -17.72 -0.38
C GLY A 122 14.63 -19.02 -0.47
N ARG A 123 15.56 -19.19 0.46
CA ARG A 123 16.35 -20.42 0.52
C ARG A 123 15.95 -21.23 1.76
N SER A 124 14.72 -21.03 2.20
CA SER A 124 14.13 -21.78 3.31
C SER A 124 14.87 -21.56 4.64
N PHE A 125 15.41 -20.36 4.83
CA PHE A 125 16.11 -20.02 6.06
C PHE A 125 15.55 -18.76 6.71
N ILE A 126 15.69 -18.68 8.03
CA ILE A 126 15.46 -17.43 8.76
C ILE A 126 16.68 -17.13 9.61
N HIS A 127 16.98 -15.85 9.80
CA HIS A 127 18.21 -15.44 10.46
C HIS A 127 18.12 -15.53 11.99
N ARG A 128 16.99 -15.08 12.52
CA ARG A 128 16.70 -15.13 13.97
C ARG A 128 17.63 -14.28 14.84
N ASP A 129 18.56 -13.57 14.22
CA ASP A 129 19.49 -12.72 14.97
C ASP A 129 19.81 -11.46 14.18
N ILE A 130 18.82 -10.59 14.01
CA ILE A 130 18.99 -9.39 13.22
C ILE A 130 19.36 -8.16 14.06
N LYS A 131 20.57 -7.68 13.85
CA LYS A 131 21.08 -6.50 14.55
C LYS A 131 22.04 -5.76 13.63
N PRO A 132 22.28 -4.46 13.88
CA PRO A 132 23.21 -3.69 13.06
C PRO A 132 24.60 -4.30 12.94
N ASP A 133 25.00 -5.11 13.91
CA ASP A 133 26.31 -5.72 13.92
C ASP A 133 26.43 -6.84 12.88
N ASN A 134 25.29 -7.38 12.46
CA ASN A 134 25.29 -8.49 11.52
C ASN A 134 25.18 -8.03 10.06
N PHE A 135 25.24 -6.73 9.86
CA PHE A 135 25.28 -6.17 8.51
C PHE A 135 26.58 -5.40 8.27
N LEU A 136 27.38 -5.88 7.33
CA LEU A 136 28.67 -5.24 7.03
C LEU A 136 28.70 -4.71 5.60
N MET A 137 29.46 -3.64 5.40
CA MET A 137 29.71 -3.12 4.06
C MET A 137 30.92 -3.83 3.48
N GLY A 138 31.05 -3.80 2.16
CA GLY A 138 32.20 -4.41 1.52
C GLY A 138 33.37 -3.46 1.52
N VAL A 139 34.52 -3.94 1.05
CA VAL A 139 35.68 -3.09 0.86
C VAL A 139 35.90 -2.91 -0.64
N GLY A 140 36.58 -1.82 -1.00
CA GLY A 140 36.82 -1.52 -2.40
C GLY A 140 35.53 -1.15 -3.11
N ARG A 141 35.28 -1.81 -4.24
CA ARG A 141 34.11 -1.50 -5.06
C ARG A 141 32.85 -2.23 -4.59
N ARG A 142 32.98 -3.00 -3.50
CA ARG A 142 31.83 -3.63 -2.89
C ARG A 142 31.37 -2.81 -1.68
N GLY A 143 31.97 -1.63 -1.55
CA GLY A 143 31.71 -0.77 -0.40
C GLY A 143 30.30 -0.21 -0.35
N SER A 144 29.58 -0.32 -1.47
CA SER A 144 28.21 0.16 -1.53
C SER A 144 27.22 -0.94 -1.17
N THR A 145 27.70 -2.19 -1.23
CA THR A 145 26.82 -3.34 -1.03
C THR A 145 26.80 -3.77 0.44
N VAL A 146 25.60 -3.90 0.99
CA VAL A 146 25.42 -4.38 2.35
C VAL A 146 25.50 -5.90 2.39
N HIS A 147 26.32 -6.43 3.30
CA HIS A 147 26.48 -7.87 3.44
C HIS A 147 25.86 -8.36 4.73
N VAL A 148 25.61 -9.66 4.83
CA VAL A 148 25.02 -10.26 6.03
C VAL A 148 25.90 -11.36 6.60
N ILE A 149 26.13 -11.31 7.91
CA ILE A 149 26.97 -12.32 8.55
C ILE A 149 26.30 -12.95 9.77
N ASP A 150 27.04 -13.84 10.43
CA ASP A 150 26.60 -14.50 11.66
C ASP A 150 25.29 -15.27 11.48
N PHE A 151 25.39 -16.50 11.01
CA PHE A 151 24.23 -17.35 10.83
C PHE A 151 24.20 -18.46 11.89
N GLY A 152 24.74 -18.17 13.06
CA GLY A 152 24.80 -19.14 14.14
C GLY A 152 23.43 -19.55 14.65
N LEU A 153 22.48 -18.62 14.63
CA LEU A 153 21.15 -18.88 15.13
C LEU A 153 20.16 -19.13 13.99
N SER A 154 20.67 -19.15 12.76
CA SER A 154 19.85 -19.38 11.58
C SER A 154 19.19 -20.76 11.63
N MLY A 155 18.00 -20.86 11.06
CA MLY A 155 17.21 -22.07 11.13
CB MLY A 155 16.38 -22.07 12.42
CG MLY A 155 15.50 -23.29 12.60
CD MLY A 155 14.69 -23.19 13.88
CE MLY A 155 13.75 -24.39 14.00
NZ MLY A 155 13.00 -24.38 15.28
CH1 MLY A 155 12.19 -25.60 15.29
CH2 MLY A 155 13.99 -24.50 16.37
C MLY A 155 16.28 -22.19 9.91
O MLY A 155 15.79 -21.19 9.40
N MLY A 156 16.06 -23.42 9.46
CA MLY A 156 15.13 -23.65 8.35
CB MLY A 156 15.41 -24.98 7.67
CG MLY A 156 16.77 -25.05 6.99
CD MLY A 156 16.91 -26.29 6.13
CE MLY A 156 18.27 -26.32 5.44
NZ MLY A 156 18.39 -27.43 4.46
CH1 MLY A 156 19.72 -27.27 3.84
CH2 MLY A 156 18.42 -28.69 5.22
C MLY A 156 13.68 -23.59 8.83
O MLY A 156 13.32 -24.27 9.80
N TYR A 157 12.88 -22.78 8.17
CA TYR A 157 11.48 -22.58 8.57
C TYR A 157 10.51 -23.42 7.75
N ARG A 158 11.03 -24.09 6.72
CA ARG A 158 10.20 -24.89 5.85
C ARG A 158 10.97 -26.05 5.23
N ASP A 159 10.23 -27.07 4.81
CA ASP A 159 10.84 -28.20 4.12
C ASP A 159 11.23 -27.77 2.72
N PHE A 160 11.97 -28.61 2.00
CA PHE A 160 12.42 -28.25 0.66
C PHE A 160 11.56 -28.92 -0.41
N ASN A 161 11.26 -30.20 -0.23
CA ASN A 161 10.42 -30.93 -1.17
C ASN A 161 9.01 -30.36 -1.19
N THR A 162 8.56 -29.90 -0.02
CA THR A 162 7.29 -29.21 0.09
C THR A 162 7.51 -27.91 0.87
N HIS A 163 6.74 -26.87 0.53
CA HIS A 163 6.92 -25.57 1.16
C HIS A 163 6.14 -25.45 2.47
N ARG A 164 5.95 -26.58 3.15
CA ARG A 164 5.19 -26.60 4.40
C ARG A 164 5.99 -26.00 5.54
N HIS A 165 5.37 -25.04 6.23
CA HIS A 165 6.01 -24.30 7.31
C HIS A 165 6.20 -25.18 8.54
N ILE A 166 7.16 -24.81 9.39
CA ILE A 166 7.36 -25.50 10.66
C ILE A 166 6.15 -25.28 11.56
N PRO A 167 5.83 -26.26 12.41
CA PRO A 167 4.64 -26.15 13.26
C PRO A 167 4.74 -25.03 14.30
N TYR A 168 3.60 -24.51 14.71
CA TYR A 168 3.53 -23.48 15.74
C TYR A 168 3.86 -24.06 17.11
N ARG A 169 4.87 -23.49 17.76
CA ARG A 169 5.31 -23.97 19.07
C ARG A 169 5.42 -22.82 20.06
N GLU A 170 5.57 -23.17 21.35
CA GLU A 170 5.71 -22.17 22.39
C GLU A 170 6.80 -22.57 23.39
N ASN A 171 7.07 -21.67 24.34
CA ASN A 171 8.11 -21.86 25.35
C ASN A 171 9.50 -22.04 24.73
N LYS A 172 9.69 -21.53 23.53
CA LYS A 172 11.02 -21.49 22.94
C LYS A 172 11.82 -20.42 23.68
N SER A 173 13.10 -20.71 23.96
CA SER A 173 13.94 -19.86 24.78
C SER A 173 13.90 -18.39 24.35
N LEU A 174 13.65 -17.51 25.32
CA LEU A 174 13.54 -16.08 25.05
C LEU A 174 14.87 -15.47 24.64
N THR A 177 19.45 -11.53 21.98
CA THR A 177 19.41 -10.11 21.66
C THR A 177 18.07 -9.48 22.04
N ALA A 178 17.96 -9.05 23.29
CA ALA A 178 16.71 -8.51 23.81
C ALA A 178 16.31 -7.19 23.18
N ARG A 179 17.27 -6.49 22.58
CA ARG A 179 17.01 -5.15 22.06
C ARG A 179 16.20 -5.18 20.76
N TYR A 180 16.54 -6.10 19.85
CA TYR A 180 15.90 -6.12 18.54
C TYR A 180 15.00 -7.34 18.33
N ALA A 181 14.88 -8.17 19.35
CA ALA A 181 14.07 -9.39 19.25
C ALA A 181 12.60 -9.08 18.99
N SER A 182 11.92 -9.99 18.29
CA SER A 182 10.49 -9.85 18.04
C SER A 182 9.71 -9.97 19.34
N VAL A 183 8.51 -9.40 19.37
CA VAL A 183 7.64 -9.47 20.54
C VAL A 183 7.28 -10.92 20.84
N ASN A 184 7.04 -11.69 19.78
CA ASN A 184 6.72 -13.11 19.92
C ASN A 184 7.89 -13.92 20.42
N THR A 185 9.11 -13.41 20.23
CA THR A 185 10.30 -14.09 20.72
C THR A 185 10.37 -14.00 22.24
N HIS A 186 9.89 -12.88 22.77
CA HIS A 186 9.82 -12.70 24.22
C HIS A 186 8.75 -13.59 24.83
N LEU A 187 7.71 -13.89 24.05
CA LEU A 187 6.59 -14.70 24.53
C LEU A 187 6.88 -16.19 24.42
N GLY A 188 8.04 -16.53 23.87
CA GLY A 188 8.44 -17.92 23.73
C GLY A 188 7.90 -18.57 22.47
N ILE A 189 7.19 -17.79 21.68
CA ILE A 189 6.64 -18.27 20.42
C ILE A 189 7.76 -18.51 19.40
N GLU A 190 7.60 -19.55 18.58
CA GLU A 190 8.58 -19.87 17.54
C GLU A 190 8.82 -18.70 16.60
N GLN A 191 10.08 -18.51 16.22
CA GLN A 191 10.44 -17.42 15.32
C GLN A 191 10.05 -17.77 13.89
N SER A 192 9.63 -16.75 13.14
CA SER A 192 9.18 -16.94 11.77
C SER A 192 9.75 -15.87 10.84
N ARG A 193 9.30 -15.87 9.59
CA ARG A 193 9.71 -14.86 8.63
C ARG A 193 9.26 -13.47 9.08
N ARG A 194 8.08 -13.42 9.70
CA ARG A 194 7.52 -12.18 10.22
C ARG A 194 8.38 -11.57 11.31
N ASP A 195 9.00 -12.44 12.11
CA ASP A 195 9.79 -12.01 13.26
C ASP A 195 11.11 -11.38 12.82
N ASP A 196 11.62 -11.82 11.68
CA ASP A 196 12.82 -11.23 11.12
C ASP A 196 12.56 -9.81 10.66
N LEU A 197 11.48 -9.61 9.90
CA LEU A 197 11.15 -8.29 9.39
C LEU A 197 10.77 -7.31 10.49
N GLU A 198 10.12 -7.82 11.54
CA GLU A 198 9.79 -6.99 12.70
C GLU A 198 11.06 -6.53 13.39
N SER A 199 12.00 -7.45 13.53
CA SER A 199 13.31 -7.14 14.13
C SER A 199 14.02 -6.09 13.29
N LEU A 200 13.90 -6.20 11.97
CA LEU A 200 14.50 -5.25 11.05
C LEU A 200 13.94 -3.84 11.27
N GLY A 201 12.63 -3.77 11.51
CA GLY A 201 11.98 -2.50 11.76
C GLY A 201 12.52 -1.82 12.99
N TYR A 202 12.74 -2.61 14.05
CA TYR A 202 13.30 -2.09 15.29
C TYR A 202 14.69 -1.49 15.06
N VAL A 203 15.43 -2.07 14.12
CA VAL A 203 16.76 -1.58 13.78
C VAL A 203 16.69 -0.25 13.04
N LEU A 204 15.74 -0.14 12.12
CA LEU A 204 15.57 1.08 11.33
C LEU A 204 15.12 2.26 12.20
N ILE A 205 14.18 2.00 13.10
CA ILE A 205 13.72 3.02 14.04
C ILE A 205 14.87 3.41 14.97
N TYR A 206 15.67 2.43 15.33
CA TYR A 206 16.87 2.64 16.14
C TYR A 206 17.89 3.51 15.41
N PHE A 207 17.91 3.41 14.08
CA PHE A 207 18.82 4.23 13.28
C PHE A 207 18.40 5.69 13.25
N CYS A 208 17.09 5.92 13.14
CA CYS A 208 16.56 7.27 13.04
C CYS A 208 16.64 8.03 14.36
N LYS A 209 16.24 7.37 15.45
CA LYS A 209 16.18 8.02 16.75
C LYS A 209 17.48 7.89 17.54
N GLY A 210 18.27 6.87 17.21
CA GLY A 210 19.52 6.63 17.90
C GLY A 210 19.31 5.86 19.20
N SER A 211 18.06 5.48 19.46
CA SER A 211 17.71 4.75 20.67
C SER A 211 16.34 4.09 20.56
N LEU A 212 16.06 3.18 21.49
CA LEU A 212 14.77 2.50 21.53
C LEU A 212 14.14 2.66 22.91
N PRO A 213 12.80 2.56 22.98
CA PRO A 213 12.07 2.70 24.26
C PRO A 213 12.54 1.73 25.35
N TRP A 214 12.88 0.51 24.98
CA TRP A 214 13.30 -0.48 25.98
C TRP A 214 14.75 -0.29 26.43
N GLN A 215 15.47 0.60 25.75
CA GLN A 215 16.83 0.95 26.17
C GLN A 215 16.79 1.89 27.36
N GLY A 216 17.80 1.78 28.22
CA GLY A 216 17.94 2.67 29.36
C GLY A 216 16.83 2.57 30.38
N LEU A 217 16.41 1.35 30.69
CA LEU A 217 15.40 1.12 31.72
C LEU A 217 16.07 0.61 32.99
N LYS A 218 15.68 1.19 34.13
CA LYS A 218 16.34 0.90 35.40
C LYS A 218 15.45 0.11 36.36
N ALA A 219 16.07 -0.75 37.16
CA ALA A 219 15.37 -1.54 38.15
C ALA A 219 16.33 -2.05 39.22
N THR A 220 15.86 -2.18 40.46
CA THR A 220 16.69 -2.65 41.55
C THR A 220 17.11 -4.10 41.34
N THR A 221 16.13 -5.01 41.37
CA THR A 221 16.40 -6.41 41.11
C THR A 221 16.67 -6.60 39.63
N LYS A 222 17.73 -7.34 39.29
CA LYS A 222 18.16 -7.47 37.90
C LYS A 222 17.14 -8.23 37.04
N LYS A 223 16.35 -9.09 37.67
CA LYS A 223 15.29 -9.79 36.94
C LYS A 223 14.25 -8.78 36.47
N GLN A 224 13.97 -7.79 37.32
CA GLN A 224 13.02 -6.74 37.00
C GLN A 224 13.51 -5.90 35.82
N LYS A 225 14.83 -5.78 35.68
CA LYS A 225 15.42 -5.08 34.56
C LYS A 225 14.99 -5.72 33.24
N TYR A 226 15.10 -7.04 33.17
CA TYR A 226 14.71 -7.79 31.98
C TYR A 226 13.20 -7.77 31.78
N ASP A 227 12.48 -7.74 32.89
CA ASP A 227 11.02 -7.74 32.84
C ASP A 227 10.47 -6.43 32.31
N ARG A 228 11.08 -5.32 32.70
CA ARG A 228 10.64 -4.00 32.27
C ARG A 228 10.74 -3.84 30.76
N ILE A 229 11.76 -4.43 30.16
CA ILE A 229 11.97 -4.35 28.72
C ILE A 229 10.86 -5.08 27.97
N MET A 230 10.52 -6.27 28.45
CA MET A 230 9.44 -7.05 27.87
C MET A 230 8.11 -6.32 28.05
N GLU A 231 7.93 -5.72 29.23
CA GLU A 231 6.74 -4.93 29.52
C GLU A 231 6.66 -3.71 28.61
N MLY A 232 7.82 -3.28 28.11
CA MLY A 232 7.89 -2.08 27.28
CB MLY A 232 9.29 -1.48 27.33
CG MLY A 232 9.36 -0.04 26.86
CD MLY A 232 8.49 0.85 27.73
CE MLY A 232 8.78 2.31 27.48
NZ MLY A 232 7.97 3.19 28.37
CH1 MLY A 232 8.71 4.46 28.51
CH2 MLY A 232 6.72 3.48 27.67
C MLY A 232 7.50 -2.38 25.83
O MLY A 232 6.77 -1.61 25.21
N LYS A 233 7.98 -3.49 25.30
CA LYS A 233 7.71 -3.85 23.91
C LYS A 233 6.22 -4.12 23.66
N LEU A 234 5.58 -4.82 24.60
CA LEU A 234 4.17 -5.17 24.47
C LEU A 234 3.26 -3.98 24.69
N ASN A 235 3.69 -3.04 25.52
CA ASN A 235 2.86 -1.91 25.90
C ASN A 235 2.85 -0.79 24.86
N VAL A 236 4.02 -0.52 24.28
CA VAL A 236 4.17 0.59 23.34
C VAL A 236 3.41 0.37 22.04
N SER A 237 2.56 1.35 21.70
CA SER A 237 1.81 1.31 20.45
C SER A 237 2.72 1.64 19.27
N VAL A 238 2.30 1.24 18.08
CA VAL A 238 3.09 1.45 16.87
C VAL A 238 3.25 2.95 16.57
N GLU A 239 2.21 3.72 16.86
CA GLU A 239 2.23 5.16 16.64
C GLU A 239 3.27 5.84 17.51
N THR A 240 3.32 5.43 18.77
CA THR A 240 4.29 5.97 19.72
C THR A 240 5.71 5.56 19.34
N LEU A 241 5.83 4.33 18.87
CA LEU A 241 7.12 3.77 18.48
C LEU A 241 7.73 4.54 17.31
N CYS A 242 6.89 4.94 16.37
CA CYS A 242 7.34 5.69 15.20
C CYS A 242 6.79 7.11 15.21
N SER A 243 6.98 7.80 16.32
CA SER A 243 6.43 9.15 16.50
C SER A 243 7.01 10.16 15.51
N GLY A 244 8.29 10.49 15.68
CA GLY A 244 8.91 11.51 14.86
C GLY A 244 9.36 11.05 13.50
N LEU A 245 8.89 9.88 13.08
CA LEU A 245 9.26 9.30 11.80
C LEU A 245 8.13 9.45 10.79
N PRO A 246 8.45 9.38 9.49
CA PRO A 246 7.39 9.36 8.47
C PRO A 246 6.43 8.19 8.66
N LEU A 247 5.22 8.32 8.13
CA LEU A 247 4.19 7.30 8.32
C LEU A 247 4.59 5.95 7.72
N GLU A 248 5.47 5.98 6.73
CA GLU A 248 5.94 4.75 6.08
C GLU A 248 6.56 3.79 7.08
N PHE A 249 7.23 4.33 8.09
CA PHE A 249 7.82 3.53 9.15
C PHE A 249 6.76 2.86 10.01
N GLN A 250 5.73 3.61 10.35
CA GLN A 250 4.63 3.08 11.15
C GLN A 250 3.86 2.01 10.38
N GLU A 251 3.68 2.27 9.09
CA GLU A 251 2.98 1.33 8.21
C GLU A 251 3.78 0.02 8.06
N TYR A 252 5.09 0.14 8.16
CA TYR A 252 5.96 -1.03 8.10
C TYR A 252 5.80 -1.90 9.34
N MET A 253 5.92 -1.26 10.50
CA MET A 253 5.84 -1.99 11.76
C MET A 253 4.46 -2.58 11.99
N ALA A 254 3.43 -1.85 11.57
CA ALA A 254 2.05 -2.35 11.69
C ALA A 254 1.86 -3.59 10.82
N TYR A 255 2.44 -3.56 9.62
CA TYR A 255 2.32 -4.67 8.68
C TYR A 255 3.02 -5.93 9.20
N CYS A 256 4.22 -5.75 9.73
CA CYS A 256 5.03 -6.88 10.18
C CYS A 256 4.47 -7.55 11.43
N MLY A 257 3.89 -6.75 12.31
CA MLY A 257 3.34 -7.26 13.56
CB MLY A 257 3.30 -6.17 14.64
CG MLY A 257 4.68 -5.73 15.11
CD MLY A 257 4.70 -5.40 16.60
CE MLY A 257 4.43 -3.92 16.84
NZ MLY A 257 4.52 -3.60 18.30
CH1 MLY A 257 5.06 -2.23 18.41
CH2 MLY A 257 3.15 -3.59 18.83
C MLY A 257 1.96 -7.89 13.37
O MLY A 257 1.44 -8.56 14.25
N ASN A 258 1.37 -7.66 12.20
CA ASN A 258 0.07 -8.23 11.87
C ASN A 258 0.20 -9.50 11.04
N LEU A 259 1.42 -9.81 10.62
CA LEU A 259 1.68 -11.01 9.84
C LEU A 259 1.41 -12.27 10.65
N LYS A 260 0.81 -13.26 10.00
CA LYS A 260 0.57 -14.55 10.65
C LYS A 260 1.87 -15.33 10.79
N PHE A 261 1.83 -16.42 11.54
CA PHE A 261 3.03 -17.20 11.84
C PHE A 261 3.62 -17.87 10.61
N ASP A 262 2.78 -18.17 9.62
CA ASP A 262 3.24 -18.96 8.47
C ASP A 262 3.07 -18.25 7.13
N GLU A 263 2.46 -17.08 7.12
CA GLU A 263 2.18 -16.41 5.84
C GLU A 263 3.43 -15.73 5.28
N MLY A 264 3.51 -15.66 3.96
CA MLY A 264 4.64 -15.07 3.28
CB MLY A 264 4.81 -15.68 1.88
CG MLY A 264 5.95 -15.11 1.08
CD MLY A 264 5.94 -15.62 -0.35
CE MLY A 264 7.11 -15.06 -1.16
NZ MLY A 264 7.02 -15.43 -2.59
CH1 MLY A 264 8.22 -14.90 -3.25
CH2 MLY A 264 7.12 -16.90 -2.65
C MLY A 264 4.50 -13.56 3.16
O MLY A 264 3.47 -13.06 2.70
N PRO A 265 5.53 -12.82 3.58
CA PRO A 265 5.55 -11.35 3.52
C PRO A 265 5.52 -10.80 2.10
N ASP A 266 4.94 -9.61 1.94
CA ASP A 266 4.93 -8.94 0.65
C ASP A 266 6.18 -8.07 0.54
N TYR A 267 7.30 -8.69 0.17
CA TYR A 267 8.59 -8.00 0.10
C TYR A 267 8.57 -6.83 -0.88
N LEU A 268 7.83 -6.99 -1.97
CA LEU A 268 7.74 -5.95 -2.99
C LEU A 268 7.01 -4.73 -2.45
N PHE A 269 6.04 -4.96 -1.57
CA PHE A 269 5.31 -3.86 -0.93
C PHE A 269 6.22 -3.05 -0.03
N LEU A 270 7.05 -3.74 0.75
CA LEU A 270 8.00 -3.10 1.63
C LEU A 270 9.02 -2.30 0.84
N ALA A 271 9.37 -2.81 -0.33
CA ALA A 271 10.32 -2.13 -1.21
C ALA A 271 9.72 -0.83 -1.73
N ARG A 272 8.52 -0.92 -2.30
CA ARG A 272 7.82 0.25 -2.84
C ARG A 272 7.54 1.29 -1.77
N LEU A 273 7.16 0.83 -0.58
CA LEU A 273 6.73 1.71 0.50
C LEU A 273 7.79 2.76 0.84
N PHE A 274 9.04 2.32 0.98
CA PHE A 274 10.13 3.22 1.29
C PHE A 274 10.69 3.87 0.03
N LYS A 275 10.56 3.19 -1.10
CA LYS A 275 11.02 3.73 -2.37
C LYS A 275 10.14 4.89 -2.80
N ASP A 276 8.86 4.81 -2.48
CA ASP A 276 7.93 5.92 -2.71
C ASP A 276 8.29 7.09 -1.80
N LEU A 277 8.70 6.78 -0.58
CA LEU A 277 9.08 7.79 0.41
C LEU A 277 10.30 8.58 -0.05
N SER A 278 11.27 7.88 -0.62
CA SER A 278 12.49 8.51 -1.11
C SER A 278 12.20 9.43 -2.29
N ILE A 279 11.21 9.07 -3.09
CA ILE A 279 10.77 9.93 -4.19
C ILE A 279 10.15 11.21 -3.65
N LYS A 280 9.32 11.08 -2.62
CA LYS A 280 8.71 12.23 -1.98
C LYS A 280 9.77 13.15 -1.37
N LEU A 281 10.77 12.54 -0.75
CA LEU A 281 11.84 13.28 -0.11
C LEU A 281 12.92 13.69 -1.11
N GLU A 282 12.63 13.46 -2.39
CA GLU A 282 13.50 13.87 -3.49
C GLU A 282 14.91 13.28 -3.39
N TYR A 283 15.01 12.10 -2.79
CA TYR A 283 16.28 11.39 -2.72
C TYR A 283 16.55 10.66 -4.03
N HIS A 284 17.78 10.77 -4.53
CA HIS A 284 18.16 10.11 -5.76
C HIS A 284 19.08 8.92 -5.48
N ASN A 285 19.12 7.96 -6.40
CA ASN A 285 19.95 6.78 -6.24
C ASN A 285 21.39 7.09 -6.63
N ASP A 286 22.12 7.74 -5.73
CA ASP A 286 23.48 8.17 -6.01
C ASP A 286 24.51 7.40 -5.19
N HIS A 287 24.03 6.42 -4.41
CA HIS A 287 24.89 5.56 -3.60
C HIS A 287 25.76 6.37 -2.62
N LEU A 288 25.21 7.45 -2.08
CA LEU A 288 25.94 8.28 -1.13
C LEU A 288 25.36 8.16 0.28
N PHE A 289 26.05 7.41 1.13
CA PHE A 289 25.66 7.29 2.52
C PHE A 289 26.20 8.46 3.33
N ASP A 290 25.78 8.57 4.58
CA ASP A 290 26.26 9.63 5.46
C ASP A 290 27.77 9.53 5.66
N TRP A 291 28.24 8.33 5.99
CA TRP A 291 29.66 8.11 6.25
C TRP A 291 30.49 8.31 4.99
N THR A 292 29.87 8.11 3.82
CA THR A 292 30.56 8.33 2.55
C THR A 292 30.90 9.80 2.38
N MET A 293 29.92 10.66 2.61
CA MET A 293 30.11 12.10 2.46
C MET A 293 30.92 12.68 3.61
N LEU A 294 30.80 12.08 4.80
CA LEU A 294 31.55 12.53 5.96
C LEU A 294 33.03 12.22 5.82
N ARG A 295 33.34 10.99 5.42
CA ARG A 295 34.72 10.57 5.21
C ARG A 295 35.39 11.41 4.13
N TYR A 296 34.62 11.78 3.11
CA TYR A 296 35.14 12.58 2.01
C TYR A 296 35.38 14.02 2.45
N THR A 297 34.40 14.61 3.10
CA THR A 297 34.50 15.98 3.59
C THR A 297 35.63 16.11 4.61
N LYS A 298 35.73 15.13 5.50
CA LYS A 298 36.80 15.10 6.49
C LYS A 298 38.16 15.08 5.83
N ALA A 299 38.32 14.21 4.83
CA ALA A 299 39.59 14.09 4.11
C ALA A 299 39.90 15.35 3.31
N MET A 300 38.87 15.95 2.74
CA MET A 300 39.01 17.18 1.97
C MET A 300 39.51 18.33 2.83
N VAL A 301 39.02 18.40 4.06
CA VAL A 301 39.40 19.47 4.98
C VAL A 301 40.81 19.27 5.52
N GLU A 302 41.15 18.03 5.85
CA GLU A 302 42.43 17.75 6.52
C GLU A 302 43.64 17.93 5.61
N LYS A 303 43.46 17.74 4.30
CA LYS A 303 44.57 17.92 3.37
C LYS A 303 44.84 19.40 3.17
N GLN A 304 43.84 20.23 3.46
CA GLN A 304 44.00 21.67 3.37
C GLN A 304 44.84 22.20 4.52
N ARG A 305 44.99 21.37 5.56
CA ARG A 305 45.86 21.73 6.69
C ARG A 305 47.30 21.88 6.22
N ASP A 306 47.76 20.91 5.44
CA ASP A 306 49.12 20.91 4.90
C ASP A 306 49.37 22.16 4.06
N LEU A 307 48.32 22.62 3.37
CA LEU A 307 48.43 23.82 2.55
C LEU A 307 48.66 25.04 3.43
N LEU A 308 47.97 25.08 4.57
CA LEU A 308 48.09 26.19 5.51
C LEU A 308 49.45 26.21 6.20
N ILE A 309 49.99 25.04 6.48
CA ILE A 309 51.25 24.93 7.22
C ILE A 309 52.44 25.35 6.38
N GLU A 310 52.47 24.91 5.13
CA GLU A 310 53.56 25.25 4.23
C GLU A 310 53.68 26.76 4.02
N LYS A 311 52.54 27.43 3.87
CA LYS A 311 52.51 28.87 3.76
C LYS A 311 51.74 29.50 4.91
N GLY A 312 52.28 29.37 6.12
CA GLY A 312 51.65 29.88 7.32
C GLY A 312 52.23 31.19 7.79
N THR A 327 39.84 14.26 24.12
CA THR A 327 38.88 13.56 23.28
C THR A 327 37.60 14.37 23.14
N ASP A 328 37.51 15.45 23.91
CA ASP A 328 36.34 16.30 23.93
C ASP A 328 36.20 17.07 22.61
N ASN A 329 37.33 17.31 21.95
CA ASN A 329 37.35 18.04 20.69
C ASN A 329 36.65 17.26 19.58
N LYS A 330 36.75 15.94 19.66
CA LYS A 330 36.22 15.06 18.62
C LYS A 330 34.72 15.23 18.43
N SER A 331 33.99 15.41 19.53
CA SER A 331 32.56 15.64 19.45
C SER A 331 32.27 17.03 18.88
N GLU A 332 33.23 17.94 19.05
CA GLU A 332 33.08 19.30 18.58
C GLU A 332 33.61 19.47 17.15
N THR A 333 34.68 18.76 16.82
CA THR A 333 35.28 18.86 15.49
C THR A 333 34.48 18.09 14.46
N PHE A 334 34.01 16.89 14.83
CA PHE A 334 33.13 16.12 13.96
C PHE A 334 31.87 16.92 13.67
N ASN A 335 31.41 17.65 14.68
CA ASN A 335 30.23 18.50 14.54
C ASN A 335 30.47 19.61 13.52
N LYS A 336 31.70 20.13 13.49
CA LYS A 336 32.09 21.14 12.51
C LYS A 336 32.21 20.52 11.12
N ILE A 337 32.69 19.28 11.07
CA ILE A 337 32.88 18.60 9.79
C ILE A 337 31.54 18.12 9.23
N MLY A 338 30.66 17.67 10.13
CA MLY A 338 29.32 17.22 9.76
CB MLY A 338 28.63 16.59 10.97
CG MLY A 338 27.18 16.23 10.76
CD MLY A 338 26.59 15.62 12.03
CE MLY A 338 25.11 15.32 11.88
NZ MLY A 338 24.56 14.72 13.12
CH1 MLY A 338 23.11 14.92 13.07
CH2 MLY A 338 24.81 13.28 13.05
C MLY A 338 28.49 18.38 9.22
O MLY A 338 27.72 18.21 8.28
N LEU A 339 28.66 19.56 9.81
CA LEU A 339 27.93 20.74 9.38
C LEU A 339 28.38 21.21 8.00
N LEU A 340 29.68 21.12 7.74
CA LEU A 340 30.24 21.53 6.46
C LEU A 340 29.77 20.62 5.34
N ALA A 341 29.75 19.31 5.62
CA ALA A 341 29.25 18.33 4.68
C ALA A 341 27.75 18.51 4.49
N MET A 342 27.08 18.92 5.56
CA MET A 342 25.64 19.16 5.55
C MET A 342 25.31 20.33 4.63
N LYS A 343 26.25 21.26 4.53
CA LYS A 343 26.10 22.42 3.66
C LYS A 343 26.40 22.05 2.21
N LYS A 344 27.36 21.14 2.03
CA LYS A 344 27.80 20.74 0.70
C LYS A 344 26.75 19.87 0.00
N PHE A 345 26.06 19.05 0.78
CA PHE A 345 24.98 18.21 0.26
C PHE A 345 23.70 18.43 1.06
N PRO A 346 23.08 19.61 0.88
CA PRO A 346 21.94 20.00 1.73
C PRO A 346 20.67 19.18 1.48
N THR A 347 20.56 18.56 0.31
CA THR A 347 19.38 17.77 -0.03
C THR A 347 19.45 16.36 0.56
N HIS A 348 20.66 15.93 0.91
CA HIS A 348 20.88 14.56 1.35
C HIS A 348 20.64 14.37 2.85
N PHE A 349 20.99 15.38 3.64
CA PHE A 349 20.95 15.26 5.09
C PHE A 349 19.64 15.73 5.72
N HIS A 350 18.78 14.78 6.08
CA HIS A 350 17.56 15.07 6.81
C HIS A 350 17.50 14.17 8.04
N TYR A 351 17.28 14.78 9.21
CA TYR A 351 17.33 14.02 10.46
C TYR A 351 16.02 14.06 11.27
N TYR A 352 15.85 13.04 12.09
CA TYR A 352 14.70 12.94 12.97
C TYR A 352 14.76 14.00 14.07
N MLY A 353 13.63 14.64 14.33
CA MLY A 353 13.54 15.64 15.37
CB MLY A 353 12.57 16.75 14.97
CG MLY A 353 13.16 18.15 14.97
CD MLY A 353 13.56 18.57 13.57
CE MLY A 353 13.66 20.09 13.47
NZ MLY A 353 13.73 20.54 12.05
CH1 MLY A 353 13.35 21.96 12.03
CH2 MLY A 353 15.14 20.46 11.65
C MLY A 353 13.08 15.01 16.68
O MLY A 353 12.04 14.35 16.72
N ASN A 354 13.84 15.23 17.75
CA ASN A 354 13.51 14.67 19.06
C ASN A 354 12.20 15.21 19.62
N GLU A 355 11.94 16.49 19.35
CA GLU A 355 10.78 17.18 19.89
C GLU A 355 9.46 16.65 19.33
N ASP A 356 9.49 16.23 18.07
CA ASP A 356 8.28 15.85 17.35
C ASP A 356 7.67 14.54 17.84
N LYS A 357 6.37 14.56 18.13
CA LYS A 357 5.63 13.34 18.47
C LYS A 357 4.64 13.01 17.37
N HIS A 358 4.74 13.75 16.26
CA HIS A 358 3.89 13.53 15.11
C HIS A 358 4.72 13.10 13.90
N ASN A 359 4.07 12.44 12.95
CA ASN A 359 4.74 11.99 11.74
C ASN A 359 4.92 13.12 10.74
N PRO A 360 6.18 13.57 10.53
CA PRO A 360 6.47 14.72 9.67
C PRO A 360 6.20 14.43 8.19
N SER A 361 5.62 15.43 7.52
CA SER A 361 5.37 15.36 6.09
C SER A 361 6.70 15.53 5.34
N PRO A 362 6.76 15.06 4.09
CA PRO A 362 7.95 15.29 3.26
C PRO A 362 8.38 16.76 3.18
N GLU A 363 7.43 17.67 3.30
CA GLU A 363 7.72 19.10 3.27
C GLU A 363 8.62 19.53 4.42
N GLU A 364 8.22 19.18 5.64
CA GLU A 364 9.00 19.49 6.83
C GLU A 364 10.39 18.87 6.75
N ILE A 365 10.46 17.69 6.14
CA ILE A 365 11.72 16.99 5.95
C ILE A 365 12.54 17.69 4.87
N MLY A 366 11.87 18.16 3.83
CA MLY A 366 12.52 18.92 2.76
CB MLY A 366 11.71 18.86 1.46
CG MLY A 366 11.79 17.52 0.75
CD MLY A 366 11.17 17.59 -0.64
CE MLY A 366 9.66 17.78 -0.57
NZ MLY A 366 9.03 17.67 -1.91
CH1 MLY A 366 7.57 17.77 -1.70
CH2 MLY A 366 9.43 18.85 -2.68
C MLY A 366 12.78 20.37 3.17
O MLY A 366 13.50 21.10 2.49
N GLN A 367 12.18 20.77 4.29
CA GLN A 367 12.43 22.11 4.85
C GLN A 367 13.85 22.20 5.39
N GLN A 368 14.36 21.07 5.89
CA GLN A 368 15.70 21.02 6.47
C GLN A 368 16.77 21.33 5.43
N THR A 369 16.47 21.06 4.16
CA THR A 369 17.39 21.32 3.07
C THR A 369 17.74 22.81 2.97
N ILE A 370 16.71 23.65 3.05
CA ILE A 370 16.89 25.09 3.03
C ILE A 370 17.74 25.54 4.22
N LEU A 371 17.47 24.95 5.39
CA LEU A 371 18.25 25.23 6.59
C LEU A 371 19.71 24.82 6.42
N ASN A 372 19.92 23.69 5.76
CA ASN A 372 21.27 23.18 5.52
C ASN A 372 22.00 24.02 4.47
N ASN A 373 21.24 24.59 3.54
CA ASN A 373 21.81 25.47 2.53
C ASN A 373 22.23 26.79 3.13
N ASN A 374 21.40 27.31 4.04
CA ASN A 374 21.72 28.54 4.76
C ASN A 374 22.39 28.23 6.09
N ALA A 375 23.39 27.36 6.07
CA ALA A 375 24.12 26.98 7.27
C ALA A 375 25.49 27.62 7.30
N ALA A 376 25.98 27.91 8.49
CA ALA A 376 27.29 28.56 8.64
C ALA A 376 28.20 27.77 9.59
N SER A 377 29.42 27.50 9.14
CA SER A 377 30.39 26.79 9.95
C SER A 377 31.40 27.76 10.56
N SER A 378 32.18 27.28 11.52
CA SER A 378 33.12 28.11 12.26
C SER A 378 34.34 28.50 11.43
N LEU A 379 34.89 27.53 10.71
CA LEU A 379 36.13 27.73 9.95
C LEU A 379 36.00 28.80 8.89
N PRO A 380 36.94 29.77 8.88
CA PRO A 380 36.95 30.87 7.92
C PRO A 380 37.80 30.62 6.68
N GLU A 381 39.12 30.77 6.78
CA GLU A 381 40.02 30.66 5.65
C GLU A 381 39.98 29.27 5.01
N GLU A 382 39.62 28.27 5.81
CA GLU A 382 39.47 26.92 5.29
C GLU A 382 38.21 26.77 4.46
N LEU A 383 37.16 27.45 4.88
CA LEU A 383 35.87 27.39 4.19
C LEU A 383 35.92 28.18 2.90
N LEU A 384 36.86 29.11 2.81
CA LEU A 384 37.05 29.91 1.61
C LEU A 384 37.45 29.05 0.42
N ASN A 385 38.28 28.03 0.69
CA ASN A 385 38.66 27.08 -0.34
C ASN A 385 37.55 26.05 -0.56
N ALA A 386 36.69 25.90 0.44
CA ALA A 386 35.54 25.03 0.33
C ALA A 386 34.49 25.67 -0.58
N LEU A 387 34.53 27.01 -0.63
CA LEU A 387 33.72 27.75 -1.58
C LEU A 387 34.38 27.67 -2.95
N ASP A 388 35.71 27.67 -2.95
CA ASP A 388 36.51 27.53 -4.15
C ASP A 388 36.40 26.11 -4.71
N LYS A 389 36.03 25.17 -3.85
CA LYS A 389 35.87 23.78 -4.24
C LYS A 389 34.95 23.63 -5.46
N GLY A 390 33.85 24.38 -5.46
CA GLY A 390 32.89 24.33 -6.54
C GLY A 390 33.43 24.91 -7.84
N CYS B 5 53.00 -24.39 13.18
CA CYS B 5 51.60 -24.62 13.53
C CYS B 5 50.94 -23.33 14.00
N LEU B 6 49.65 -23.42 14.34
CA LEU B 6 48.90 -22.26 14.80
C LEU B 6 48.47 -22.40 16.25
N THR B 7 49.14 -21.69 17.14
CA THR B 7 48.81 -21.71 18.56
C THR B 7 48.41 -20.32 19.05
N ARG B 8 47.97 -20.24 20.30
CA ARG B 8 47.57 -18.97 20.87
C ARG B 8 48.79 -18.07 21.11
N SER B 9 49.90 -18.68 21.54
CA SER B 9 51.13 -17.94 21.76
C SER B 9 51.70 -17.39 20.46
N ASN B 10 51.54 -18.16 19.39
CA ASN B 10 51.98 -17.73 18.06
C ASN B 10 51.20 -16.50 17.60
N LEU B 11 49.89 -16.50 17.85
CA LEU B 11 49.04 -15.37 17.47
C LEU B 11 49.37 -14.13 18.28
N LYS B 12 49.74 -14.33 19.54
CA LYS B 12 50.12 -13.23 20.41
C LYS B 12 51.40 -12.54 19.90
N LYS B 13 52.43 -13.33 19.64
CA LYS B 13 53.70 -12.79 19.16
C LYS B 13 53.56 -12.14 17.80
N LEU B 14 52.64 -12.67 16.98
CA LEU B 14 52.41 -12.11 15.66
C LEU B 14 51.69 -10.76 15.76
N GLN B 15 50.72 -10.67 16.66
CA GLN B 15 49.94 -9.45 16.82
C GLN B 15 50.72 -8.35 17.54
N GLU B 16 51.65 -8.75 18.40
CA GLU B 16 52.46 -7.80 19.15
C GLU B 16 53.38 -6.99 18.23
N LYS B 17 54.09 -7.70 17.36
CA LYS B 17 55.02 -7.06 16.44
C LYS B 17 54.29 -6.18 15.42
N ILE B 18 53.09 -6.61 15.03
CA ILE B 18 52.28 -5.84 14.09
C ILE B 18 51.89 -4.49 14.69
N PHE B 19 51.35 -4.52 15.90
CA PHE B 19 50.92 -3.30 16.58
C PHE B 19 52.10 -2.43 17.01
N ASP B 20 53.28 -3.04 17.12
CA ASP B 20 54.50 -2.27 17.38
C ASP B 20 54.86 -1.47 16.13
N ARG B 21 54.77 -2.11 14.97
CA ARG B 21 55.06 -1.45 13.71
C ARG B 21 53.90 -0.55 13.29
N GLU B 22 52.73 -0.80 13.89
CA GLU B 22 51.56 0.01 13.58
C GLU B 22 51.58 1.31 14.39
N LEU B 23 52.17 1.25 15.58
CA LEU B 23 52.19 2.39 16.49
C LEU B 23 53.09 3.51 15.98
N ASN B 24 54.36 3.20 15.74
CA ASN B 24 55.35 4.22 15.43
C ASN B 24 56.29 3.89 14.27
N ASP B 25 55.86 3.03 13.37
CA ASP B 25 56.69 2.67 12.22
C ASP B 25 56.04 3.07 10.90
N ILE B 26 54.80 3.55 10.97
CA ILE B 26 54.13 4.07 9.79
C ILE B 26 54.52 5.53 9.59
N ALA B 27 55.57 5.76 8.81
CA ALA B 27 56.11 7.10 8.63
C ALA B 27 55.70 7.71 7.30
N CYS B 28 54.61 8.47 7.32
CA CYS B 28 54.17 9.23 6.16
C CYS B 28 53.44 10.49 6.59
N ASP B 29 53.33 11.46 5.68
CA ASP B 29 52.69 12.73 6.00
C ASP B 29 51.20 12.68 5.69
N HIS B 30 50.69 11.48 5.42
CA HIS B 30 49.27 11.27 5.19
C HIS B 30 48.50 11.51 6.48
N CYS B 31 47.38 12.23 6.37
CA CYS B 31 46.59 12.62 7.54
C CYS B 31 45.86 11.44 8.17
N LEU B 32 45.25 10.60 7.32
CA LEU B 32 44.47 9.46 7.79
C LEU B 32 45.35 8.39 8.46
N CYS B 33 46.56 8.23 7.95
CA CYS B 33 47.49 7.21 8.44
C CYS B 33 48.15 7.65 9.74
N SER B 34 48.09 8.94 10.02
CA SER B 34 48.76 9.52 11.18
C SER B 34 48.24 8.93 12.49
N THR B 35 49.11 8.92 13.50
CA THR B 35 48.77 8.35 14.81
C THR B 35 47.70 9.17 15.51
N GLU B 36 47.64 10.47 15.22
CA GLU B 36 46.62 11.34 15.78
C GLU B 36 45.22 10.91 15.38
N ASN B 37 45.09 10.36 14.17
CA ASN B 37 43.80 9.96 13.65
C ASN B 37 43.29 8.68 14.30
N ARG B 38 44.21 7.87 14.81
CA ARG B 38 43.86 6.58 15.40
C ARG B 38 43.44 6.73 16.85
N ARG B 39 43.93 7.77 17.52
CA ARG B 39 43.51 8.06 18.88
C ARG B 39 42.04 8.46 18.90
N ASP B 40 41.60 9.02 17.77
CA ASP B 40 40.23 9.50 17.62
C ASP B 40 39.21 8.36 17.63
N ILE B 41 39.63 7.19 17.17
CA ILE B 41 38.73 6.07 17.05
C ILE B 41 39.15 4.90 17.93
N LYS B 42 38.26 4.47 18.81
CA LYS B 42 38.52 3.31 19.65
C LYS B 42 38.19 2.03 18.88
N TYR B 43 37.35 2.16 17.87
CA TYR B 43 36.98 1.04 17.02
C TYR B 43 37.86 1.00 15.78
N SER B 44 38.99 0.31 15.89
CA SER B 44 40.03 0.32 14.85
C SER B 44 39.54 -0.05 13.46
N ARG B 45 38.39 -0.72 13.38
CA ARG B 45 37.82 -1.10 12.10
C ARG B 45 37.44 0.10 11.26
N LEU B 46 36.91 1.14 11.91
CA LEU B 46 36.52 2.37 11.20
C LEU B 46 37.72 3.05 10.56
N TRP B 47 38.92 2.79 11.10
CA TRP B 47 40.14 3.34 10.53
C TRP B 47 40.75 2.36 9.52
N PHE B 48 40.95 1.13 9.97
CA PHE B 48 41.67 0.13 9.18
C PHE B 48 40.86 -0.38 7.98
N LEU B 49 39.54 -0.43 8.12
CA LEU B 49 38.71 -1.03 7.08
C LEU B 49 37.81 -0.04 6.36
N PHE B 50 37.76 1.20 6.84
CA PHE B 50 36.87 2.19 6.25
C PHE B 50 37.62 3.45 5.78
N GLU B 51 38.57 3.91 6.59
CA GLU B 51 39.30 5.13 6.26
C GLU B 51 40.59 4.85 5.49
N LEU B 52 41.07 3.61 5.54
CA LEU B 52 42.21 3.21 4.72
C LEU B 52 41.76 2.85 3.31
N GLU B 53 40.44 2.88 3.10
CA GLU B 53 39.86 2.68 1.77
C GLU B 53 40.18 3.86 0.85
N MET B 54 40.40 5.03 1.46
CA MET B 54 40.74 6.24 0.71
C MET B 54 42.06 6.07 -0.01
N SER B 55 42.24 6.81 -1.10
CA SER B 55 43.46 6.74 -1.89
C SER B 55 44.14 8.10 -1.97
N GLU B 56 45.43 8.13 -1.66
CA GLU B 56 46.19 9.37 -1.66
C GLU B 56 46.79 9.65 -3.03
N ASN B 57 47.08 8.60 -3.77
CA ASN B 57 47.72 8.72 -5.09
C ASN B 57 46.78 8.34 -6.23
N TRP B 58 45.54 8.04 -5.88
CA TRP B 58 44.49 7.69 -6.85
C TRP B 58 44.83 6.43 -7.64
N ASN B 59 45.74 5.62 -7.11
CA ASN B 59 46.11 4.36 -7.73
C ASN B 59 45.95 3.21 -6.75
N GLU B 60 46.55 3.37 -5.58
CA GLU B 60 46.44 2.40 -4.49
C GLU B 60 45.72 3.05 -3.33
N ASN B 61 44.99 2.25 -2.55
CA ASN B 61 44.40 2.77 -1.32
C ASN B 61 45.46 2.85 -0.23
N LEU B 62 45.11 3.47 0.90
CA LEU B 62 46.08 3.68 1.96
C LEU B 62 46.50 2.38 2.64
N ARG B 63 45.61 1.38 2.61
CA ARG B 63 45.92 0.09 3.22
C ARG B 63 46.97 -0.66 2.41
N LEU B 64 47.11 -0.30 1.14
CA LEU B 64 48.08 -0.94 0.25
C LEU B 64 49.38 -0.16 0.17
N SER B 65 49.28 1.16 0.02
CA SER B 65 50.46 2.00 -0.17
C SER B 65 51.17 2.31 1.14
N CYS B 66 50.41 2.51 2.21
CA CYS B 66 50.99 2.90 3.50
C CYS B 66 51.09 1.72 4.47
N TYR B 67 49.98 1.05 4.72
CA TYR B 67 49.95 -0.01 5.73
C TYR B 67 50.76 -1.22 5.31
N ASN B 68 50.51 -1.72 4.11
CA ASN B 68 51.17 -2.92 3.61
C ASN B 68 52.69 -2.75 3.53
N MLY B 69 53.13 -1.52 3.27
CA MLY B 69 54.55 -1.24 3.09
CB MLY B 69 54.74 0.05 2.29
CG MLY B 69 56.19 0.38 2.00
CD MLY B 69 56.34 1.81 1.49
CE MLY B 69 57.79 2.11 1.10
NZ MLY B 69 58.01 3.54 0.77
CH1 MLY B 69 59.35 3.63 0.19
CH2 MLY B 69 57.05 3.91 -0.29
C MLY B 69 55.29 -1.14 4.42
O MLY B 69 56.41 -1.65 4.56
N TYR B 70 54.68 -0.48 5.39
CA TYR B 70 55.33 -0.22 6.67
C TYR B 70 55.10 -1.32 7.70
N VAL B 71 53.94 -1.95 7.66
CA VAL B 71 53.59 -2.95 8.65
C VAL B 71 53.89 -4.38 8.18
N TYR B 72 53.37 -4.74 7.01
CA TYR B 72 53.50 -6.10 6.51
C TYR B 72 54.81 -6.33 5.75
N SER B 73 55.13 -5.45 4.81
CA SER B 73 56.32 -5.61 3.98
C SER B 73 57.61 -5.54 4.80
N ALA B 74 57.54 -4.90 5.95
CA ALA B 74 58.70 -4.79 6.82
C ALA B 74 58.94 -6.10 7.58
N ILE B 75 57.85 -6.72 8.01
CA ILE B 75 57.93 -8.03 8.66
C ILE B 75 58.38 -9.08 7.67
N ASP B 76 57.76 -9.08 6.50
CA ASP B 76 58.13 -9.99 5.42
C ASP B 76 58.08 -9.25 4.09
N GLU B 77 59.22 -9.17 3.42
CA GLU B 77 59.34 -8.44 2.16
C GLU B 77 58.51 -9.10 1.05
N SER B 78 58.18 -10.37 1.23
CA SER B 78 57.47 -11.13 0.21
C SER B 78 55.96 -11.15 0.45
N TRP B 79 55.51 -10.52 1.54
CA TRP B 79 54.10 -10.50 1.88
C TRP B 79 53.29 -9.77 0.81
N MLY B 80 52.40 -10.50 0.15
CA MLY B 80 51.66 -9.96 -0.99
CB MLY B 80 51.51 -11.04 -2.06
CG MLY B 80 52.81 -11.53 -2.65
CD MLY B 80 52.57 -12.58 -3.72
CE MLY B 80 53.87 -13.05 -4.35
NZ MLY B 80 53.63 -14.10 -5.38
CH1 MLY B 80 54.93 -14.35 -6.03
CH2 MLY B 80 53.26 -15.33 -4.67
C MLY B 80 50.27 -9.42 -0.63
O MLY B 80 49.54 -10.02 0.15
N MET B 81 49.95 -8.27 -1.21
CA MET B 81 48.61 -7.71 -1.13
C MET B 81 48.23 -7.12 -2.49
N GLU B 82 47.01 -7.39 -2.95
CA GLU B 82 46.56 -6.92 -4.25
C GLU B 82 45.93 -5.53 -4.16
N ASN B 83 45.77 -4.89 -5.30
CA ASN B 83 45.06 -3.62 -5.39
C ASN B 83 43.58 -3.85 -5.70
N ILE B 84 42.75 -3.77 -4.66
CA ILE B 84 41.32 -4.05 -4.81
C ILE B 84 40.61 -3.01 -5.66
N LEU B 85 41.29 -1.89 -5.92
CA LEU B 85 40.74 -0.84 -6.77
C LEU B 85 40.85 -1.20 -8.25
N LEU B 86 41.77 -2.12 -8.56
CA LEU B 86 41.95 -2.57 -9.94
C LEU B 86 40.92 -3.62 -10.31
N LYS B 87 40.22 -4.14 -9.30
CA LYS B 87 39.18 -5.14 -9.53
C LYS B 87 38.02 -4.58 -10.33
N GLU B 88 37.25 -5.48 -10.94
CA GLU B 88 36.10 -5.10 -11.73
C GLU B 88 34.95 -4.61 -10.86
N GLN B 89 34.01 -3.89 -11.47
CA GLN B 89 32.74 -3.61 -10.85
C GLN B 89 31.80 -4.80 -11.14
N GLU B 90 31.68 -5.70 -10.17
CA GLU B 90 30.91 -6.92 -10.37
C GLU B 90 29.42 -6.64 -10.51
N LYS B 91 28.75 -7.46 -11.31
CA LYS B 91 27.38 -7.19 -11.73
C LYS B 91 26.36 -7.17 -10.59
N HIS B 92 26.46 -8.14 -9.69
CA HIS B 92 25.48 -8.29 -8.62
C HIS B 92 25.53 -7.13 -7.62
N TYR B 93 26.73 -6.64 -7.34
CA TYR B 93 26.92 -5.62 -6.31
C TYR B 93 26.44 -4.24 -6.75
N GLU B 94 26.03 -3.44 -5.77
CA GLU B 94 25.60 -2.06 -6.03
C GLU B 94 26.77 -1.24 -6.55
N TYR B 95 26.48 -0.24 -7.37
CA TYR B 95 27.53 0.58 -7.98
C TYR B 95 28.33 1.36 -6.93
N PHE B 96 29.65 1.35 -7.08
CA PHE B 96 30.52 2.08 -6.17
C PHE B 96 31.23 3.21 -6.89
N PRO B 97 30.80 4.45 -6.63
CA PRO B 97 31.46 5.64 -7.19
C PRO B 97 32.87 5.80 -6.64
N ILE B 98 33.88 5.57 -7.46
CA ILE B 98 35.27 5.58 -6.99
C ILE B 98 35.75 6.98 -6.60
N GLY B 99 34.95 7.99 -6.95
CA GLY B 99 35.29 9.37 -6.65
C GLY B 99 35.29 9.68 -5.16
N GLN B 100 34.63 8.82 -4.38
CA GLN B 100 34.53 9.02 -2.94
C GLN B 100 35.83 8.65 -2.23
N LEU B 101 36.70 7.91 -2.91
CA LEU B 101 37.96 7.48 -2.34
C LEU B 101 39.11 8.39 -2.75
N LEU B 102 38.91 9.17 -3.81
CA LEU B 102 39.96 10.02 -4.33
C LEU B 102 40.07 11.33 -3.54
N ILE B 103 41.22 11.54 -2.93
CA ILE B 103 41.46 12.74 -2.12
C ILE B 103 41.89 13.92 -2.99
N PRO B 104 41.13 15.02 -2.94
CA PRO B 104 41.44 16.24 -3.70
C PRO B 104 42.55 17.05 -3.06
N ASN B 105 43.51 17.50 -3.87
CA ASN B 105 44.62 18.31 -3.37
C ASN B 105 44.14 19.67 -2.88
N ALA C 1 -56.75 18.36 -16.49
CA ALA C 1 -55.46 18.95 -16.13
C ALA C 1 -54.71 18.07 -15.15
N MET C 2 -55.44 17.15 -14.50
CA MET C 2 -54.82 16.21 -13.57
C MET C 2 -54.61 14.86 -14.25
N ASP C 3 -54.99 14.78 -15.52
CA ASP C 3 -54.81 13.57 -16.31
C ASP C 3 -53.91 13.84 -17.51
N LEU C 4 -52.64 14.09 -17.24
CA LEU C 4 -51.66 14.33 -18.30
C LEU C 4 -51.15 13.01 -18.86
N ARG C 5 -51.29 12.83 -20.17
CA ARG C 5 -50.94 11.56 -20.78
C ARG C 5 -49.85 11.70 -21.84
N VAL C 6 -49.13 10.61 -22.08
CA VAL C 6 -48.05 10.59 -23.06
C VAL C 6 -48.19 9.42 -24.01
N GLY C 7 -48.40 9.71 -25.29
CA GLY C 7 -48.54 8.68 -26.30
C GLY C 7 -49.84 7.93 -26.19
N ARG C 8 -50.80 8.51 -25.47
CA ARG C 8 -52.15 7.96 -25.32
C ARG C 8 -52.16 6.58 -24.66
N MLY C 9 -51.04 6.17 -24.09
CA MLY C 9 -50.95 4.87 -23.44
CB MLY C 9 -50.01 3.93 -24.21
CG MLY C 9 -50.60 3.37 -25.49
CD MLY C 9 -49.76 2.23 -26.02
CE MLY C 9 -50.36 1.61 -27.26
NZ MLY C 9 -49.66 0.34 -27.61
CH1 MLY C 9 -50.27 -0.18 -28.83
CH2 MLY C 9 -48.28 0.70 -27.93
C MLY C 9 -50.48 4.98 -22.00
O MLY C 9 -50.73 4.09 -21.18
N PHE C 10 -49.79 6.07 -21.68
CA PHE C 10 -49.20 6.26 -20.36
C PHE C 10 -49.67 7.55 -19.68
N ARG C 11 -49.91 7.50 -18.38
CA ARG C 11 -50.22 8.69 -17.62
C ARG C 11 -49.05 9.06 -16.72
N ILE C 12 -48.76 10.36 -16.63
CA ILE C 12 -47.63 10.85 -15.84
C ILE C 12 -47.93 10.88 -14.34
N GLY C 13 -47.02 10.33 -13.55
CA GLY C 13 -47.16 10.34 -12.11
C GLY C 13 -46.22 11.36 -11.47
N ARG C 14 -45.68 11.01 -10.32
CA ARG C 14 -44.78 11.93 -9.59
C ARG C 14 -43.45 12.08 -10.30
N LYS C 15 -42.75 13.18 -10.01
CA LYS C 15 -41.41 13.37 -10.51
C LYS C 15 -40.43 12.53 -9.69
N ILE C 16 -39.68 11.67 -10.37
CA ILE C 16 -38.73 10.80 -9.69
C ILE C 16 -37.28 11.24 -9.90
N GLY C 17 -36.98 11.77 -11.08
CA GLY C 17 -35.62 12.13 -11.40
C GLY C 17 -35.46 13.38 -12.25
N SER C 18 -34.27 13.95 -12.22
CA SER C 18 -33.92 15.09 -13.05
C SER C 18 -32.52 14.92 -13.63
N GLY C 19 -32.44 14.84 -14.95
CA GLY C 19 -31.17 14.69 -15.63
C GLY C 19 -30.78 15.95 -16.36
N SER C 20 -29.66 15.90 -17.08
CA SER C 20 -29.23 17.03 -17.88
C SER C 20 -30.16 17.24 -19.06
N PHE C 21 -30.65 18.47 -19.20
CA PHE C 21 -31.53 18.86 -20.30
C PHE C 21 -32.85 18.08 -20.33
N GLY C 22 -33.33 17.70 -19.15
CA GLY C 22 -34.61 16.99 -19.07
C GLY C 22 -34.99 16.45 -17.71
N ASP C 23 -36.28 16.19 -17.53
CA ASP C 23 -36.80 15.64 -16.28
C ASP C 23 -37.25 14.19 -16.46
N ILE C 24 -37.35 13.47 -15.34
CA ILE C 24 -37.81 12.09 -15.35
C ILE C 24 -39.05 11.93 -14.48
N TYR C 25 -40.05 11.22 -14.98
CA TYR C 25 -41.30 11.04 -14.27
C TYR C 25 -41.74 9.58 -14.18
N HIS C 26 -42.25 9.20 -13.02
CA HIS C 26 -42.85 7.87 -12.85
C HIS C 26 -44.20 7.85 -13.58
N GLY C 27 -44.58 6.68 -14.07
CA GLY C 27 -45.83 6.55 -14.81
C GLY C 27 -46.34 5.13 -14.88
N THR C 28 -47.60 4.99 -15.28
CA THR C 28 -48.21 3.68 -15.41
C THR C 28 -48.94 3.56 -16.75
N ASN C 29 -48.90 2.38 -17.34
CA ASN C 29 -49.64 2.10 -18.56
C ASN C 29 -51.14 2.16 -18.27
N LEU C 30 -51.90 2.74 -19.18
CA LEU C 30 -53.34 2.89 -18.97
C LEU C 30 -54.07 1.56 -19.08
N ILE C 31 -53.58 0.69 -19.95
CA ILE C 31 -54.22 -0.60 -20.20
C ILE C 31 -53.82 -1.66 -19.18
N SER C 32 -52.52 -1.91 -19.07
CA SER C 32 -52.02 -3.00 -18.24
C SER C 32 -51.69 -2.56 -16.82
N GLY C 33 -51.29 -1.30 -16.66
CA GLY C 33 -50.95 -0.78 -15.35
C GLY C 33 -49.49 -0.97 -15.01
N GLU C 34 -48.69 -1.34 -16.00
CA GLU C 34 -47.26 -1.55 -15.81
C GLU C 34 -46.56 -0.23 -15.50
N GLU C 35 -45.67 -0.26 -14.51
CA GLU C 35 -44.95 0.94 -14.11
C GLU C 35 -43.88 1.30 -15.12
N VAL C 36 -43.87 2.57 -15.51
CA VAL C 36 -42.88 3.08 -16.47
C VAL C 36 -42.24 4.36 -15.98
N ALA C 37 -41.05 4.66 -16.51
CA ALA C 37 -40.37 5.92 -16.21
C ALA C 37 -40.32 6.76 -17.48
N ILE C 38 -40.88 7.97 -17.39
CA ILE C 38 -41.00 8.83 -18.56
C ILE C 38 -39.99 9.98 -18.57
N ARG C 39 -39.16 10.00 -19.60
CA ARG C 39 -38.12 11.02 -19.77
C ARG C 39 -38.61 12.13 -20.70
N LEU C 40 -38.68 13.35 -20.18
CA LEU C 40 -39.16 14.49 -20.97
C LEU C 40 -38.02 15.43 -21.37
N GLU C 41 -37.94 15.73 -22.67
CA GLU C 41 -36.92 16.63 -23.17
C GLU C 41 -37.56 17.80 -23.93
N SER C 42 -37.16 19.02 -23.58
CA SER C 42 -37.70 20.21 -24.22
C SER C 42 -37.09 20.41 -25.60
N ILE C 43 -37.93 20.80 -26.56
CA ILE C 43 -37.47 21.03 -27.93
C ILE C 43 -36.47 22.17 -28.02
N ARG C 44 -36.64 23.19 -27.18
CA ARG C 44 -35.76 24.35 -27.21
C ARG C 44 -34.55 24.18 -26.31
N SER C 45 -33.87 23.05 -26.47
CA SER C 45 -32.60 22.81 -25.79
C SER C 45 -31.48 22.76 -26.80
N ARG C 46 -30.32 23.31 -26.44
CA ARG C 46 -29.20 23.41 -27.36
C ARG C 46 -28.69 22.04 -27.81
N HIS C 47 -28.74 21.07 -26.91
CA HIS C 47 -28.27 19.73 -27.23
C HIS C 47 -29.31 18.65 -26.90
N PRO C 48 -30.23 18.40 -27.85
CA PRO C 48 -31.21 17.31 -27.70
C PRO C 48 -30.59 15.95 -28.05
N GLN C 49 -30.72 14.99 -27.15
CA GLN C 49 -30.12 13.68 -27.36
C GLN C 49 -31.14 12.56 -27.24
N LEU C 50 -32.36 12.91 -26.84
CA LEU C 50 -33.40 11.92 -26.57
C LEU C 50 -33.81 11.13 -27.82
N ASP C 51 -33.81 11.81 -28.97
CA ASP C 51 -34.14 11.15 -30.23
C ASP C 51 -33.04 10.19 -30.62
N TYR C 52 -31.79 10.66 -30.55
CA TYR C 52 -30.65 9.82 -30.87
C TYR C 52 -30.53 8.67 -29.88
N GLU C 53 -30.78 8.97 -28.62
CA GLU C 53 -30.75 7.96 -27.56
C GLU C 53 -31.80 6.89 -27.84
N SER C 54 -32.96 7.33 -28.34
CA SER C 54 -34.03 6.43 -28.71
C SER C 54 -33.61 5.42 -29.78
N ARG C 55 -32.82 5.90 -30.74
CA ARG C 55 -32.34 5.07 -31.83
C ARG C 55 -31.31 4.05 -31.35
N VAL C 56 -30.49 4.46 -30.38
CA VAL C 56 -29.44 3.59 -29.86
C VAL C 56 -30.03 2.46 -29.02
N TYR C 57 -30.99 2.78 -28.14
CA TYR C 57 -31.66 1.78 -27.32
C TYR C 57 -32.32 0.71 -28.18
N ARG C 58 -33.03 1.13 -29.22
CA ARG C 58 -33.73 0.20 -30.08
C ARG C 58 -32.77 -0.68 -30.87
N TYR C 59 -31.56 -0.17 -31.09
CA TYR C 59 -30.53 -0.95 -31.77
C TYR C 59 -29.94 -1.99 -30.81
N LEU C 60 -29.91 -1.65 -29.53
CA LEU C 60 -29.36 -2.53 -28.50
C LEU C 60 -30.44 -3.39 -27.86
N SER C 61 -31.66 -3.31 -28.40
CA SER C 61 -32.79 -4.06 -27.85
C SER C 61 -32.57 -5.56 -28.01
N GLY C 62 -32.75 -6.29 -26.91
CA GLY C 62 -32.59 -7.73 -26.92
C GLY C 62 -31.49 -8.19 -25.98
N GLY C 63 -30.73 -7.24 -25.46
CA GLY C 63 -29.63 -7.55 -24.57
C GLY C 63 -29.99 -7.43 -23.11
N VAL C 64 -29.39 -8.27 -22.28
CA VAL C 64 -29.65 -8.25 -20.84
C VAL C 64 -29.15 -6.94 -20.22
N GLY C 65 -30.04 -6.25 -19.51
CA GLY C 65 -29.69 -5.00 -18.86
C GLY C 65 -29.96 -3.79 -19.72
N ILE C 66 -30.45 -4.03 -20.94
CA ILE C 66 -30.77 -2.93 -21.85
C ILE C 66 -32.25 -2.55 -21.73
N PRO C 67 -32.52 -1.33 -21.26
CA PRO C 67 -33.88 -0.81 -21.09
C PRO C 67 -34.68 -0.89 -22.38
N PHE C 68 -35.88 -1.47 -22.30
CA PHE C 68 -36.74 -1.62 -23.47
C PHE C 68 -37.57 -0.36 -23.69
N ILE C 69 -37.43 0.25 -24.87
CA ILE C 69 -38.20 1.44 -25.19
C ILE C 69 -39.63 1.06 -25.53
N ARG C 70 -40.56 1.51 -24.69
CA ARG C 70 -41.97 1.19 -24.88
C ARG C 70 -42.61 2.17 -25.85
N TRP C 71 -42.14 3.41 -25.84
CA TRP C 71 -42.70 4.46 -26.69
C TRP C 71 -41.81 5.69 -26.74
N PHE C 72 -41.61 6.23 -27.94
CA PHE C 72 -40.94 7.51 -28.10
C PHE C 72 -41.66 8.37 -29.13
N GLY C 73 -41.77 9.66 -28.82
CA GLY C 73 -42.43 10.61 -29.70
C GLY C 73 -42.52 11.97 -29.07
N ARG C 74 -43.42 12.80 -29.58
CA ARG C 74 -43.55 14.16 -29.11
C ARG C 74 -44.91 14.41 -28.48
N GLU C 75 -44.92 15.15 -27.37
CA GLU C 75 -46.15 15.51 -26.68
C GLU C 75 -46.16 17.01 -26.40
N GLY C 76 -46.55 17.80 -27.39
CA GLY C 76 -46.55 19.24 -27.28
C GLY C 76 -45.15 19.82 -27.40
N GLU C 77 -44.70 20.50 -26.34
CA GLU C 77 -43.37 21.08 -26.32
C GLU C 77 -42.31 20.00 -26.11
N TYR C 78 -42.67 18.96 -25.36
CA TYR C 78 -41.71 17.96 -24.92
C TYR C 78 -41.60 16.77 -25.86
N ASN C 79 -40.39 16.24 -25.98
CA ASN C 79 -40.18 14.91 -26.54
C ASN C 79 -40.16 13.90 -25.41
N ALA C 80 -40.82 12.77 -25.59
CA ALA C 80 -40.96 11.81 -24.51
C ALA C 80 -40.48 10.42 -24.88
N MET C 81 -39.56 9.89 -24.07
CA MET C 81 -39.09 8.52 -24.23
C MET C 81 -39.58 7.69 -23.05
N VAL C 82 -40.36 6.65 -23.35
CA VAL C 82 -40.98 5.85 -22.30
C VAL C 82 -40.36 4.46 -22.21
N ILE C 83 -39.75 4.17 -21.07
CA ILE C 83 -39.14 2.86 -20.82
C ILE C 83 -39.73 2.23 -19.58
N ASP C 84 -39.37 0.97 -19.33
CA ASP C 84 -39.79 0.27 -18.12
C ASP C 84 -39.22 0.96 -16.88
N LEU C 85 -39.94 0.87 -15.77
CA LEU C 85 -39.51 1.53 -14.54
C LEU C 85 -38.20 0.94 -14.02
N LEU C 86 -37.26 1.83 -13.70
CA LEU C 86 -35.99 1.42 -13.10
C LEU C 86 -35.87 1.97 -11.68
N GLY C 87 -35.16 1.25 -10.83
CA GLY C 87 -34.93 1.68 -9.47
C GLY C 87 -33.86 2.76 -9.41
N PRO C 88 -33.29 2.98 -8.21
CA PRO C 88 -32.24 3.98 -8.02
C PRO C 88 -30.96 3.61 -8.77
N SER C 89 -30.13 4.60 -9.06
CA SER C 89 -28.85 4.34 -9.72
C SER C 89 -27.86 3.78 -8.71
N LEU C 90 -26.68 3.40 -9.18
CA LEU C 90 -25.66 2.89 -8.28
C LEU C 90 -25.06 4.03 -7.46
N GLU C 91 -25.05 5.22 -8.04
CA GLU C 91 -24.64 6.42 -7.31
C GLU C 91 -25.64 6.73 -6.21
N ASP C 92 -26.92 6.46 -6.49
CA ASP C 92 -27.97 6.62 -5.50
C ASP C 92 -27.83 5.60 -4.39
N LEU C 93 -27.53 4.36 -4.77
CA LEU C 93 -27.35 3.28 -3.81
C LEU C 93 -26.01 3.38 -3.10
N PHE C 94 -25.05 4.05 -3.74
CA PHE C 94 -23.76 4.32 -3.11
C PHE C 94 -23.97 5.28 -1.96
N ASN C 95 -24.86 6.25 -2.16
CA ASN C 95 -25.21 7.21 -1.12
C ASN C 95 -26.03 6.56 -0.02
N TYR C 96 -26.73 5.48 -0.35
CA TYR C 96 -27.56 4.77 0.62
C TYR C 96 -26.69 3.99 1.61
N CYS C 97 -25.51 3.57 1.15
CA CYS C 97 -24.59 2.81 1.99
C CYS C 97 -23.52 3.73 2.58
N HIS C 98 -23.80 5.04 2.55
CA HIS C 98 -22.87 6.06 3.02
C HIS C 98 -21.52 5.96 2.32
N ARG C 99 -21.56 5.74 1.01
CA ARG C 99 -20.41 5.83 0.12
C ARG C 99 -19.28 4.84 0.43
N ARG C 100 -19.65 3.61 0.75
CA ARG C 100 -18.68 2.52 0.92
C ARG C 100 -19.31 1.19 0.52
N PHE C 101 -18.72 0.51 -0.46
CA PHE C 101 -19.20 -0.79 -0.89
C PHE C 101 -18.28 -1.92 -0.44
N SER C 102 -18.88 -3.05 -0.11
CA SER C 102 -18.10 -4.23 0.28
C SER C 102 -17.43 -4.83 -0.94
N PHE C 103 -16.40 -5.64 -0.70
CA PHE C 103 -15.71 -6.34 -1.78
C PHE C 103 -16.68 -7.26 -2.52
N LYS C 104 -17.56 -7.90 -1.76
CA LYS C 104 -18.54 -8.82 -2.33
C LYS C 104 -19.47 -8.12 -3.32
N THR C 105 -19.98 -6.95 -2.92
CA THR C 105 -20.88 -6.17 -3.76
C THR C 105 -20.18 -5.63 -5.00
N VAL C 106 -18.98 -5.10 -4.82
CA VAL C 106 -18.19 -4.56 -5.92
C VAL C 106 -17.92 -5.64 -6.97
N ILE C 107 -17.56 -6.83 -6.50
CA ILE C 107 -17.31 -7.95 -7.40
C ILE C 107 -18.59 -8.37 -8.12
N MET C 108 -19.69 -8.44 -7.40
CA MET C 108 -20.98 -8.80 -7.99
C MET C 108 -21.39 -7.79 -9.06
N LEU C 109 -21.13 -6.51 -8.80
CA LEU C 109 -21.43 -5.46 -9.76
C LEU C 109 -20.47 -5.52 -10.95
N ALA C 110 -19.20 -5.78 -10.66
CA ALA C 110 -18.16 -5.81 -11.68
C ALA C 110 -18.46 -6.86 -12.75
N LEU C 111 -18.91 -8.03 -12.31
CA LEU C 111 -19.19 -9.13 -13.24
C LEU C 111 -20.40 -8.84 -14.13
N GLN C 112 -21.40 -8.15 -13.57
CA GLN C 112 -22.57 -7.78 -14.36
C GLN C 112 -22.21 -6.68 -15.36
N MET C 113 -21.40 -5.74 -14.91
CA MET C 113 -20.94 -4.64 -15.77
C MET C 113 -20.07 -5.14 -16.92
N PHE C 114 -19.28 -6.18 -16.67
CA PHE C 114 -18.42 -6.74 -17.70
C PHE C 114 -19.23 -7.22 -18.90
N CYS C 115 -20.38 -7.82 -18.62
CA CYS C 115 -21.24 -8.35 -19.67
C CYS C 115 -21.96 -7.24 -20.43
N ARG C 116 -22.38 -6.20 -19.71
CA ARG C 116 -23.08 -5.08 -20.33
C ARG C 116 -22.22 -4.40 -21.37
N ILE C 117 -21.00 -4.04 -20.97
CA ILE C 117 -20.07 -3.35 -21.86
C ILE C 117 -19.63 -4.26 -23.01
N GLN C 118 -19.46 -5.55 -22.70
CA GLN C 118 -19.10 -6.53 -23.73
C GLN C 118 -20.20 -6.64 -24.78
N TYR C 119 -21.44 -6.53 -24.33
CA TYR C 119 -22.58 -6.59 -25.24
C TYR C 119 -22.62 -5.36 -26.14
N ILE C 120 -22.43 -4.19 -25.54
CA ILE C 120 -22.40 -2.93 -26.27
C ILE C 120 -21.28 -2.93 -27.30
N HIS C 121 -20.13 -3.47 -26.90
CA HIS C 121 -18.98 -3.57 -27.80
C HIS C 121 -19.25 -4.57 -28.93
N GLY C 122 -20.00 -5.63 -28.61
CA GLY C 122 -20.37 -6.62 -29.59
C GLY C 122 -21.34 -6.07 -30.62
N ARG C 123 -21.99 -4.97 -30.26
CA ARG C 123 -22.93 -4.31 -31.17
C ARG C 123 -22.27 -3.11 -31.86
N SER C 124 -20.94 -3.15 -31.94
CA SER C 124 -20.15 -2.12 -32.60
C SER C 124 -20.37 -0.73 -32.00
N PHE C 125 -20.61 -0.69 -30.70
CA PHE C 125 -20.87 0.58 -30.01
C PHE C 125 -19.96 0.74 -28.78
N ILE C 126 -19.61 1.99 -28.48
CA ILE C 126 -18.95 2.31 -27.22
C ILE C 126 -19.77 3.37 -26.47
N HIS C 127 -19.73 3.32 -25.14
CA HIS C 127 -20.58 4.18 -24.32
C HIS C 127 -20.03 5.61 -24.21
N ARG C 128 -18.71 5.71 -24.08
CA ARG C 128 -18.00 7.00 -24.00
C ARG C 128 -18.40 7.86 -22.80
N ASP C 129 -19.23 7.34 -21.91
CA ASP C 129 -19.67 8.10 -20.75
C ASP C 129 -20.04 7.17 -19.61
N ILE C 130 -19.03 6.63 -18.93
CA ILE C 130 -19.26 5.68 -17.86
C ILE C 130 -19.09 6.31 -16.48
N LYS C 131 -20.15 6.24 -15.68
CA LYS C 131 -20.16 6.77 -14.33
C LYS C 131 -21.24 6.06 -13.52
N PRO C 132 -21.11 6.04 -12.19
CA PRO C 132 -22.08 5.36 -11.30
C PRO C 132 -23.55 5.73 -11.56
N ASP C 133 -23.78 6.89 -12.14
CA ASP C 133 -25.14 7.37 -12.38
C ASP C 133 -25.79 6.66 -13.56
N ASN C 134 -24.96 6.13 -14.46
CA ASN C 134 -25.45 5.49 -15.68
C ASN C 134 -25.68 4.00 -15.50
N PHE C 135 -25.72 3.55 -14.25
CA PHE C 135 -26.05 2.16 -13.95
C PHE C 135 -27.19 2.11 -12.93
N LEU C 136 -28.32 1.52 -13.33
CA LEU C 136 -29.49 1.45 -12.46
C LEU C 136 -29.94 0.02 -12.19
N MET C 137 -30.37 -0.24 -10.97
CA MET C 137 -31.00 -1.51 -10.63
C MET C 137 -32.47 -1.45 -11.03
N GLY C 138 -33.06 -2.60 -11.31
CA GLY C 138 -34.45 -2.65 -11.72
C GLY C 138 -35.41 -2.62 -10.54
N VAL C 139 -36.69 -2.74 -10.83
CA VAL C 139 -37.70 -2.83 -9.79
C VAL C 139 -38.33 -4.22 -9.80
N GLY C 140 -38.93 -4.60 -8.68
CA GLY C 140 -39.52 -5.92 -8.55
C GLY C 140 -38.47 -7.00 -8.60
N ARG C 141 -38.70 -8.02 -9.42
CA ARG C 141 -37.76 -9.12 -9.55
C ARG C 141 -36.67 -8.80 -10.58
N ARG C 142 -36.68 -7.57 -11.09
CA ARG C 142 -35.62 -7.10 -11.97
C ARG C 142 -34.57 -6.37 -11.16
N GLY C 143 -34.78 -6.32 -9.84
CA GLY C 143 -33.94 -5.57 -8.93
C GLY C 143 -32.55 -6.12 -8.74
N SER C 144 -32.35 -7.38 -9.15
CA SER C 144 -31.03 -7.99 -9.06
C SER C 144 -30.20 -7.65 -10.30
N THR C 145 -30.87 -7.23 -11.36
CA THR C 145 -30.22 -6.95 -12.63
C THR C 145 -29.72 -5.51 -12.72
N VAL C 146 -28.52 -5.33 -13.24
CA VAL C 146 -27.94 -4.01 -13.47
C VAL C 146 -28.24 -3.53 -14.88
N HIS C 147 -28.80 -2.32 -14.99
CA HIS C 147 -29.12 -1.75 -16.28
C HIS C 147 -28.15 -0.64 -16.68
N VAL C 148 -28.14 -0.30 -17.97
CA VAL C 148 -27.28 0.76 -18.49
C VAL C 148 -28.10 1.81 -19.21
N ILE C 149 -27.88 3.08 -18.87
CA ILE C 149 -28.63 4.18 -19.48
C ILE C 149 -27.76 5.29 -20.05
N ASP C 150 -28.42 6.32 -20.59
CA ASP C 150 -27.77 7.51 -21.14
C ASP C 150 -26.77 7.18 -22.25
N PHE C 151 -27.28 7.02 -23.46
CA PHE C 151 -26.44 6.74 -24.62
C PHE C 151 -26.30 7.96 -25.52
N GLY C 152 -26.44 9.14 -24.92
CA GLY C 152 -26.33 10.40 -25.66
C GLY C 152 -24.95 10.62 -26.23
N LEU C 153 -23.92 10.19 -25.50
CA LEU C 153 -22.55 10.35 -25.93
C LEU C 153 -22.00 9.09 -26.59
N SER C 154 -22.86 8.08 -26.73
CA SER C 154 -22.45 6.81 -27.32
C SER C 154 -22.08 6.99 -28.79
N MLY C 155 -21.20 6.13 -29.29
CA MLY C 155 -20.67 6.25 -30.64
CB MLY C 155 -19.49 7.24 -30.64
CG MLY C 155 -18.94 7.59 -32.01
CD MLY C 155 -17.69 8.46 -31.88
CE MLY C 155 -17.08 8.76 -33.25
NZ MLY C 155 -15.88 9.63 -33.16
CH1 MLY C 155 -15.37 9.80 -34.52
CH2 MLY C 155 -16.33 10.95 -32.71
C MLY C 155 -20.22 4.88 -31.15
O MLY C 155 -19.94 3.98 -30.35
N MLY C 156 -20.17 4.72 -32.46
CA MLY C 156 -19.71 3.48 -33.07
CB MLY C 156 -20.39 3.25 -34.42
CG MLY C 156 -21.89 3.03 -34.33
CD MLY C 156 -22.48 2.67 -35.69
CE MLY C 156 -23.96 2.36 -35.57
NZ MLY C 156 -24.55 1.95 -36.88
CH1 MLY C 156 -25.94 1.54 -36.60
CH2 MLY C 156 -24.62 3.16 -37.70
C MLY C 156 -18.20 3.49 -33.23
O MLY C 156 -17.62 4.47 -33.68
N TYR C 157 -17.56 2.38 -32.85
CA TYR C 157 -16.10 2.29 -32.94
C TYR C 157 -15.65 1.52 -34.17
N ARG C 158 -16.50 0.63 -34.66
CA ARG C 158 -16.18 -0.15 -35.84
C ARG C 158 -17.34 -0.17 -36.84
N ASP C 159 -17.02 -0.27 -38.12
CA ASP C 159 -18.04 -0.45 -39.15
C ASP C 159 -18.63 -1.85 -39.02
N PHE C 160 -19.93 -1.97 -39.25
CA PHE C 160 -20.63 -3.23 -38.99
C PHE C 160 -20.25 -4.33 -39.98
N ASN C 161 -20.43 -4.07 -41.27
CA ASN C 161 -20.14 -5.06 -42.30
C ASN C 161 -18.68 -5.50 -42.27
N THR C 162 -17.76 -4.55 -42.34
CA THR C 162 -16.35 -4.86 -42.16
C THR C 162 -15.86 -4.24 -40.85
N HIS C 163 -15.42 -5.09 -39.92
CA HIS C 163 -15.02 -4.63 -38.59
C HIS C 163 -13.77 -3.77 -38.62
N ARG C 164 -13.83 -2.66 -39.35
CA ARG C 164 -12.73 -1.71 -39.39
C ARG C 164 -12.86 -0.71 -38.25
N HIS C 165 -11.89 -0.72 -37.35
CA HIS C 165 -11.87 0.22 -36.25
C HIS C 165 -11.72 1.65 -36.78
N ILE C 166 -12.38 2.59 -36.13
CA ILE C 166 -12.31 4.00 -36.52
C ILE C 166 -10.86 4.49 -36.53
N PRO C 167 -10.54 5.42 -37.43
CA PRO C 167 -9.17 5.93 -37.53
C PRO C 167 -8.72 6.67 -36.27
N TYR C 168 -7.44 6.48 -35.92
CA TYR C 168 -6.85 7.15 -34.77
C TYR C 168 -6.74 8.66 -35.00
N ARG C 169 -7.32 9.43 -34.09
CA ARG C 169 -7.23 10.88 -34.15
C ARG C 169 -6.88 11.45 -32.78
N GLU C 170 -6.61 12.75 -32.72
CA GLU C 170 -6.24 13.38 -31.47
C GLU C 170 -6.82 14.80 -31.34
N ASN C 171 -6.59 15.40 -30.18
CA ASN C 171 -7.16 16.71 -29.81
C ASN C 171 -8.68 16.71 -29.85
N LYS C 172 -9.28 15.54 -29.57
CA LYS C 172 -10.72 15.44 -29.46
C LYS C 172 -11.15 15.95 -28.09
N SER C 173 -12.27 16.67 -28.06
CA SER C 173 -12.78 17.24 -26.82
C SER C 173 -13.04 16.17 -25.77
N LEU C 174 -12.77 16.50 -24.51
CA LEU C 174 -12.96 15.57 -23.41
C LEU C 174 -14.43 15.18 -23.29
N THR C 175 -14.68 13.96 -22.81
CA THR C 175 -16.03 13.42 -22.75
C THR C 175 -16.89 14.09 -21.66
N GLY C 176 -17.95 13.38 -21.25
CA GLY C 176 -18.91 13.92 -20.31
C GLY C 176 -18.35 14.26 -18.93
N THR C 177 -17.71 13.29 -18.29
CA THR C 177 -17.16 13.50 -16.96
C THR C 177 -15.63 13.41 -16.95
N ALA C 178 -15.03 14.09 -15.98
CA ALA C 178 -13.57 14.14 -15.87
C ALA C 178 -13.05 13.13 -14.86
N ARG C 179 -13.89 12.81 -13.87
CA ARG C 179 -13.48 11.93 -12.78
C ARG C 179 -13.21 10.50 -13.25
N TYR C 180 -14.03 10.02 -14.17
CA TYR C 180 -13.93 8.65 -14.63
C TYR C 180 -13.38 8.58 -16.05
N ALA C 181 -13.03 9.73 -16.61
CA ALA C 181 -12.50 9.81 -17.97
C ALA C 181 -11.19 9.04 -18.10
N SER C 182 -11.02 8.36 -19.22
CA SER C 182 -9.80 7.62 -19.48
C SER C 182 -8.62 8.58 -19.62
N VAL C 183 -7.41 8.06 -19.43
CA VAL C 183 -6.20 8.85 -19.57
C VAL C 183 -6.07 9.43 -20.98
N ASN C 184 -6.30 8.58 -21.98
CA ASN C 184 -6.25 8.99 -23.37
C ASN C 184 -7.32 10.01 -23.73
N THR C 185 -8.43 9.99 -22.99
CA THR C 185 -9.50 10.95 -23.19
C THR C 185 -9.04 12.34 -22.78
N HIS C 186 -8.28 12.40 -21.70
CA HIS C 186 -7.70 13.65 -21.25
C HIS C 186 -6.74 14.20 -22.30
N LEU C 187 -5.96 13.32 -22.92
CA LEU C 187 -4.98 13.71 -23.93
C LEU C 187 -5.63 14.11 -25.25
N GLY C 188 -6.92 13.86 -25.39
CA GLY C 188 -7.65 14.24 -26.58
C GLY C 188 -7.69 13.17 -27.65
N ILE C 189 -7.32 11.95 -27.27
CA ILE C 189 -7.28 10.82 -28.18
C ILE C 189 -8.68 10.21 -28.37
N GLU C 190 -8.96 9.75 -29.58
CA GLU C 190 -10.22 9.06 -29.88
C GLU C 190 -10.49 7.93 -28.90
N GLN C 191 -11.68 7.94 -28.31
CA GLN C 191 -12.06 6.91 -27.36
C GLN C 191 -12.30 5.59 -28.06
N SER C 192 -11.92 4.50 -27.39
CA SER C 192 -12.11 3.17 -27.93
C SER C 192 -12.68 2.23 -26.88
N ARG C 193 -12.67 0.93 -27.16
CA ARG C 193 -13.19 -0.07 -26.23
C ARG C 193 -12.36 -0.13 -24.95
N ARG C 194 -11.07 0.18 -25.07
CA ARG C 194 -10.17 0.19 -23.92
C ARG C 194 -10.54 1.27 -22.92
N ASP C 195 -10.91 2.44 -23.45
CA ASP C 195 -11.23 3.59 -22.62
C ASP C 195 -12.51 3.38 -21.82
N ASP C 196 -13.39 2.54 -22.34
CA ASP C 196 -14.61 2.16 -21.63
C ASP C 196 -14.27 1.34 -20.40
N LEU C 197 -13.40 0.36 -20.56
CA LEU C 197 -13.05 -0.55 -19.47
C LEU C 197 -12.20 0.14 -18.41
N GLU C 198 -11.31 1.03 -18.83
CA GLU C 198 -10.48 1.78 -17.88
C GLU C 198 -11.36 2.66 -17.00
N SER C 199 -12.38 3.25 -17.61
CA SER C 199 -13.35 4.05 -16.88
C SER C 199 -14.09 3.20 -15.86
N LEU C 200 -14.43 1.98 -16.28
CA LEU C 200 -15.10 1.03 -15.39
C LEU C 200 -14.21 0.69 -14.20
N GLY C 201 -12.92 0.56 -14.46
CA GLY C 201 -11.95 0.28 -13.41
C GLY C 201 -11.92 1.39 -12.38
N TYR C 202 -11.93 2.63 -12.85
CA TYR C 202 -11.94 3.79 -11.96
C TYR C 202 -13.19 3.79 -11.08
N VAL C 203 -14.31 3.36 -11.65
CA VAL C 203 -15.58 3.29 -10.93
C VAL C 203 -15.53 2.25 -9.81
N LEU C 204 -14.96 1.09 -10.12
CA LEU C 204 -14.84 0.01 -9.14
C LEU C 204 -13.95 0.41 -7.97
N ILE C 205 -12.80 1.02 -8.29
CA ILE C 205 -11.89 1.51 -7.27
C ILE C 205 -12.55 2.61 -6.45
N TYR C 206 -13.31 3.46 -7.13
CA TYR C 206 -14.07 4.53 -6.50
C TYR C 206 -15.12 3.98 -5.53
N PHE C 207 -15.63 2.79 -5.85
CA PHE C 207 -16.61 2.13 -4.99
C PHE C 207 -15.97 1.60 -3.72
N CYS C 208 -14.80 0.99 -3.85
CA CYS C 208 -14.13 0.36 -2.73
C CYS C 208 -13.57 1.39 -1.75
N LYS C 209 -12.88 2.40 -2.28
CA LYS C 209 -12.21 3.39 -1.45
C LYS C 209 -13.12 4.56 -1.09
N GLY C 210 -14.22 4.71 -1.81
CA GLY C 210 -15.16 5.77 -1.56
C GLY C 210 -14.78 7.08 -2.23
N SER C 211 -13.55 7.14 -2.73
CA SER C 211 -13.07 8.35 -3.40
C SER C 211 -11.90 8.05 -4.33
N LEU C 212 -11.54 9.03 -5.16
CA LEU C 212 -10.43 8.90 -6.07
C LEU C 212 -9.36 9.95 -5.77
N PRO C 213 -8.09 9.64 -6.09
CA PRO C 213 -7.00 10.57 -5.76
C PRO C 213 -7.04 11.89 -6.52
N TRP C 214 -7.69 11.93 -7.69
CA TRP C 214 -7.70 13.15 -8.48
C TRP C 214 -8.92 14.04 -8.22
N GLN C 215 -9.92 13.52 -7.53
CA GLN C 215 -11.07 14.34 -7.17
C GLN C 215 -10.84 15.00 -5.82
N GLY C 216 -11.33 16.23 -5.67
CA GLY C 216 -11.15 16.98 -4.45
C GLY C 216 -9.85 17.75 -4.44
N LEU C 217 -9.20 17.83 -5.60
CA LEU C 217 -7.97 18.60 -5.74
C LEU C 217 -8.27 20.09 -5.71
N LYS C 218 -7.46 20.84 -4.98
CA LYS C 218 -7.67 22.28 -4.84
C LYS C 218 -7.06 23.05 -5.99
N LYS C 225 -7.47 23.44 -13.40
CA LYS C 225 -8.80 22.85 -13.57
C LYS C 225 -8.70 21.38 -14.00
N TYR C 226 -9.23 21.10 -15.19
CA TYR C 226 -9.17 19.77 -15.78
C TYR C 226 -7.74 19.24 -15.90
N ASP C 227 -6.80 20.14 -16.16
CA ASP C 227 -5.41 19.79 -16.39
C ASP C 227 -4.80 19.08 -15.18
N ARG C 228 -5.02 19.62 -13.99
CA ARG C 228 -4.47 19.07 -12.75
C ARG C 228 -4.98 17.65 -12.49
N ILE C 229 -6.25 17.41 -12.81
CA ILE C 229 -6.81 16.07 -12.67
C ILE C 229 -6.10 15.11 -13.62
N MET C 230 -5.84 15.58 -14.84
CA MET C 230 -5.05 14.85 -15.81
C MET C 230 -3.64 14.57 -15.30
N GLU C 231 -3.03 15.56 -14.65
CA GLU C 231 -1.69 15.42 -14.09
C GLU C 231 -1.63 14.32 -13.06
N MLY C 232 -2.64 14.23 -12.21
CA MLY C 232 -2.70 13.24 -11.14
CB MLY C 232 -3.76 13.63 -10.11
CG MLY C 232 -4.14 12.53 -9.13
CD MLY C 232 -3.81 12.91 -7.70
CE MLY C 232 -2.33 12.64 -7.37
NZ MLY C 232 -2.05 12.69 -5.91
CH1 MLY C 232 -0.70 12.14 -5.71
CH2 MLY C 232 -2.02 14.10 -5.51
C MLY C 232 -2.94 11.83 -11.68
O MLY C 232 -2.35 10.87 -11.19
N LYS C 233 -3.80 11.72 -12.68
CA LYS C 233 -4.09 10.43 -13.32
C LYS C 233 -2.82 9.85 -13.96
N LEU C 234 -2.08 10.72 -14.65
CA LEU C 234 -0.82 10.34 -15.25
C LEU C 234 0.25 9.99 -14.23
N ASN C 235 0.27 10.76 -13.14
CA ASN C 235 1.32 10.63 -12.13
C ASN C 235 1.15 9.38 -11.27
N VAL C 236 -0.08 9.10 -10.85
CA VAL C 236 -0.34 7.95 -9.99
C VAL C 236 -0.11 6.62 -10.71
N SER C 237 0.78 5.79 -10.15
CA SER C 237 1.06 4.47 -10.70
C SER C 237 -0.09 3.52 -10.40
N VAL C 238 -0.06 2.34 -11.02
CA VAL C 238 -1.13 1.36 -10.85
C VAL C 238 -1.16 0.83 -9.42
N GLU C 239 0.02 0.72 -8.82
CA GLU C 239 0.16 0.22 -7.45
C GLU C 239 -0.45 1.18 -6.44
N THR C 240 -0.16 2.46 -6.60
CA THR C 240 -0.66 3.49 -5.68
C THR C 240 -2.18 3.63 -5.81
N LEU C 241 -2.68 3.50 -7.03
CA LEU C 241 -4.11 3.63 -7.30
C LEU C 241 -4.91 2.57 -6.55
N CYS C 242 -4.52 1.31 -6.70
CA CYS C 242 -5.18 0.21 -6.02
C CYS C 242 -4.39 -0.20 -4.78
N SER C 243 -4.05 0.79 -3.95
CA SER C 243 -3.16 0.58 -2.82
C SER C 243 -3.69 -0.43 -1.80
N GLY C 244 -4.87 -0.15 -1.25
CA GLY C 244 -5.44 -0.99 -0.22
C GLY C 244 -6.44 -2.00 -0.72
N LEU C 245 -6.39 -2.29 -2.02
CA LEU C 245 -7.33 -3.22 -2.64
C LEU C 245 -6.66 -4.55 -2.95
N PRO C 246 -7.45 -5.62 -3.13
CA PRO C 246 -6.89 -6.89 -3.56
C PRO C 246 -6.15 -6.75 -4.88
N LEU C 247 -5.13 -7.58 -5.09
CA LEU C 247 -4.24 -7.46 -6.26
C LEU C 247 -4.99 -7.58 -7.58
N GLU C 248 -6.16 -8.21 -7.56
CA GLU C 248 -6.97 -8.39 -8.76
C GLU C 248 -7.35 -7.05 -9.40
N PHE C 249 -7.60 -6.04 -8.57
CA PHE C 249 -7.95 -4.72 -9.07
C PHE C 249 -6.79 -4.07 -9.80
N GLN C 250 -5.59 -4.23 -9.26
CA GLN C 250 -4.39 -3.66 -9.87
C GLN C 250 -4.10 -4.33 -11.21
N GLU C 251 -4.29 -5.63 -11.28
CA GLU C 251 -4.07 -6.38 -12.51
C GLU C 251 -5.08 -5.97 -13.58
N TYR C 252 -6.27 -5.61 -13.14
CA TYR C 252 -7.32 -5.15 -14.06
C TYR C 252 -6.92 -3.86 -14.75
N MET C 253 -6.52 -2.87 -13.96
CA MET C 253 -6.15 -1.56 -14.48
C MET C 253 -4.94 -1.62 -15.40
N ALA C 254 -3.93 -2.37 -14.99
CA ALA C 254 -2.71 -2.52 -15.77
C ALA C 254 -2.98 -3.05 -17.17
N TYR C 255 -3.96 -3.95 -17.26
CA TYR C 255 -4.33 -4.54 -18.56
C TYR C 255 -5.05 -3.53 -19.44
N CYS C 256 -6.02 -2.83 -18.86
CA CYS C 256 -6.84 -1.88 -19.62
C CYS C 256 -6.03 -0.69 -20.12
N MLY C 257 -4.98 -0.32 -19.38
CA MLY C 257 -4.16 0.81 -19.79
CB MLY C 257 -3.49 1.46 -18.56
CG MLY C 257 -4.50 1.99 -17.56
CD MLY C 257 -4.09 3.31 -16.94
CE MLY C 257 -3.11 3.14 -15.79
NZ MLY C 257 -2.92 4.42 -15.06
CH1 MLY C 257 -2.15 4.12 -13.85
CH2 MLY C 257 -2.08 5.29 -15.91
C MLY C 257 -3.11 0.42 -20.83
O MLY C 257 -2.59 1.27 -21.55
N ASN C 258 -2.83 -0.88 -20.92
CA ASN C 258 -1.90 -1.39 -21.92
C ASN C 258 -2.57 -1.67 -23.25
N LEU C 259 -3.90 -1.79 -23.23
CA LEU C 259 -4.66 -2.11 -24.43
C LEU C 259 -4.38 -1.15 -25.58
N LYS C 260 -4.20 -1.70 -26.77
CA LYS C 260 -4.04 -0.91 -27.98
C LYS C 260 -5.34 -0.20 -28.33
N PHE C 261 -5.26 0.71 -29.30
CA PHE C 261 -6.41 1.51 -29.70
C PHE C 261 -7.51 0.69 -30.38
N ASP C 262 -7.14 -0.32 -31.16
CA ASP C 262 -8.11 -1.06 -31.94
C ASP C 262 -8.26 -2.51 -31.52
N GLU C 263 -7.42 -2.96 -30.58
CA GLU C 263 -7.44 -4.37 -30.19
C GLU C 263 -8.65 -4.72 -29.33
N MLY C 264 -9.10 -5.96 -29.47
CA MLY C 264 -10.28 -6.46 -28.77
CB MLY C 264 -10.82 -7.71 -29.48
CG MLY C 264 -12.05 -8.34 -28.86
CD MLY C 264 -12.45 -9.62 -29.60
CE MLY C 264 -13.88 -10.08 -29.31
NZ MLY C 264 -14.12 -10.52 -27.90
CH1 MLY C 264 -15.50 -11.02 -27.84
CH2 MLY C 264 -13.22 -11.63 -27.58
C MLY C 264 -9.91 -6.82 -27.33
O MLY C 264 -8.98 -7.60 -27.11
N PRO C 265 -10.63 -6.26 -26.35
CA PRO C 265 -10.43 -6.56 -24.93
C PRO C 265 -10.78 -8.02 -24.58
N ASP C 266 -9.96 -8.66 -23.76
CA ASP C 266 -10.25 -10.01 -23.30
C ASP C 266 -11.24 -9.95 -22.14
N TYR C 267 -12.52 -10.11 -22.44
CA TYR C 267 -13.56 -10.00 -21.43
C TYR C 267 -13.55 -11.18 -20.46
N LEU C 268 -13.06 -12.33 -20.93
CA LEU C 268 -13.03 -13.53 -20.12
C LEU C 268 -11.92 -13.47 -19.07
N PHE C 269 -10.78 -12.89 -19.44
CA PHE C 269 -9.67 -12.73 -18.51
C PHE C 269 -10.06 -11.85 -17.34
N LEU C 270 -10.78 -10.76 -17.64
CA LEU C 270 -11.26 -9.85 -16.61
C LEU C 270 -12.32 -10.52 -15.75
N ALA C 271 -13.21 -11.26 -16.40
CA ALA C 271 -14.30 -11.94 -15.70
C ALA C 271 -13.76 -13.02 -14.77
N ARG C 272 -12.82 -13.82 -15.26
CA ARG C 272 -12.20 -14.86 -14.46
C ARG C 272 -11.48 -14.27 -13.26
N LEU C 273 -10.84 -13.11 -13.46
CA LEU C 273 -10.02 -12.49 -12.42
C LEU C 273 -10.82 -12.15 -11.17
N PHE C 274 -12.00 -11.57 -11.36
CA PHE C 274 -12.85 -11.20 -10.23
C PHE C 274 -13.67 -12.39 -9.73
N LYS C 275 -13.89 -13.36 -10.62
CA LYS C 275 -14.62 -14.57 -10.25
C LYS C 275 -13.76 -15.46 -9.36
N ASP C 276 -12.48 -15.54 -9.68
CA ASP C 276 -11.53 -16.31 -8.88
C ASP C 276 -11.30 -15.64 -7.52
N LEU C 277 -11.40 -14.32 -7.49
CA LEU C 277 -11.25 -13.58 -6.25
C LEU C 277 -12.42 -13.85 -5.31
N SER C 278 -13.62 -13.91 -5.87
CA SER C 278 -14.83 -14.19 -5.10
C SER C 278 -14.80 -15.60 -4.52
N ILE C 279 -14.15 -16.52 -5.23
CA ILE C 279 -14.02 -17.90 -4.77
C ILE C 279 -13.06 -17.97 -3.58
N LYS C 280 -11.92 -17.29 -3.71
CA LYS C 280 -10.94 -17.25 -2.63
C LYS C 280 -11.50 -16.53 -1.40
N LEU C 281 -12.43 -15.61 -1.64
CA LEU C 281 -13.04 -14.86 -0.56
C LEU C 281 -14.30 -15.56 -0.03
N GLU C 282 -14.57 -16.74 -0.58
CA GLU C 282 -15.69 -17.58 -0.14
C GLU C 282 -17.03 -16.86 -0.30
N TYR C 283 -17.17 -16.10 -1.37
CA TYR C 283 -18.40 -15.37 -1.63
C TYR C 283 -19.37 -16.18 -2.49
N HIS C 284 -20.53 -16.50 -1.92
CA HIS C 284 -21.57 -17.19 -2.66
C HIS C 284 -22.37 -16.20 -3.49
N ASN C 285 -22.74 -16.59 -4.71
CA ASN C 285 -23.52 -15.72 -5.58
C ASN C 285 -24.98 -15.70 -5.16
N ASP C 286 -25.25 -15.07 -4.03
CA ASP C 286 -26.59 -15.05 -3.45
C ASP C 286 -27.42 -13.86 -3.93
N HIS C 287 -26.81 -13.01 -4.76
CA HIS C 287 -27.44 -11.78 -5.23
C HIS C 287 -27.87 -10.89 -4.07
N LEU C 288 -27.13 -10.96 -2.98
CA LEU C 288 -27.38 -10.13 -1.81
C LEU C 288 -26.40 -8.98 -1.74
N PHE C 289 -26.81 -7.82 -2.26
CA PHE C 289 -25.96 -6.64 -2.25
C PHE C 289 -25.97 -5.99 -0.86
N ASP C 290 -25.10 -5.00 -0.67
CA ASP C 290 -25.02 -4.27 0.59
C ASP C 290 -26.36 -3.62 0.92
N TRP C 291 -26.92 -2.92 -0.05
CA TRP C 291 -28.18 -2.20 0.15
C TRP C 291 -29.34 -3.17 0.35
N THR C 292 -29.19 -4.38 -0.17
CA THR C 292 -30.22 -5.41 -0.02
C THR C 292 -30.38 -5.83 1.44
N MET C 293 -29.25 -6.06 2.11
CA MET C 293 -29.25 -6.51 3.49
C MET C 293 -29.45 -5.35 4.48
N LEU C 294 -28.99 -4.16 4.10
CA LEU C 294 -29.18 -2.97 4.93
C LEU C 294 -30.63 -2.57 4.98
N ARG C 295 -31.30 -2.64 3.84
CA ARG C 295 -32.72 -2.31 3.75
C ARG C 295 -33.56 -3.30 4.55
N TYR C 296 -33.23 -4.58 4.44
CA TYR C 296 -33.96 -5.63 5.14
C TYR C 296 -33.78 -5.51 6.65
N THR C 297 -32.54 -5.25 7.06
CA THR C 297 -32.23 -5.10 8.49
C THR C 297 -32.92 -3.86 9.05
N LYS C 298 -32.95 -2.79 8.26
CA LYS C 298 -33.62 -1.56 8.66
C LYS C 298 -35.10 -1.80 8.91
N ALA C 299 -35.70 -2.66 8.09
CA ALA C 299 -37.10 -3.01 8.24
C ALA C 299 -37.29 -4.00 9.39
N MET C 300 -36.29 -4.84 9.62
CA MET C 300 -36.35 -5.83 10.68
C MET C 300 -36.22 -5.19 12.05
N VAL C 301 -35.38 -4.17 12.15
CA VAL C 301 -35.14 -3.47 13.41
C VAL C 301 -36.33 -2.60 13.79
N GLU C 302 -36.84 -1.82 12.84
CA GLU C 302 -37.94 -0.90 13.08
C GLU C 302 -39.23 -1.62 13.50
N LYS C 303 -39.56 -2.69 12.78
CA LYS C 303 -40.77 -3.47 13.04
C LYS C 303 -40.77 -4.03 14.46
N GLN C 304 -39.58 -4.42 14.93
CA GLN C 304 -39.43 -4.97 16.26
C GLN C 304 -39.49 -3.88 17.33
N ARG C 305 -38.92 -2.72 17.00
CA ARG C 305 -38.92 -1.59 17.93
C ARG C 305 -40.35 -1.15 18.22
N ASP C 306 -41.20 -1.25 17.21
CA ASP C 306 -42.61 -0.94 17.34
C ASP C 306 -43.31 -1.86 18.35
N LEU C 307 -42.96 -3.15 18.30
CA LEU C 307 -43.58 -4.15 19.16
C LEU C 307 -43.22 -3.95 20.63
N LEU C 308 -42.00 -3.48 20.88
CA LEU C 308 -41.53 -3.27 22.24
C LEU C 308 -42.25 -2.08 22.86
N ILE C 309 -42.60 -1.10 22.03
CA ILE C 309 -43.35 0.06 22.48
C ILE C 309 -44.79 -0.33 22.79
N GLU C 310 -45.33 -1.24 21.99
CA GLU C 310 -46.71 -1.66 22.13
C GLU C 310 -46.94 -2.52 23.37
N LYS C 311 -45.87 -3.11 23.89
CA LYS C 311 -46.00 -3.95 25.09
C LYS C 311 -46.41 -3.13 26.31
N GLY C 312 -45.73 -2.01 26.52
CA GLY C 312 -46.09 -1.10 27.59
C GLY C 312 -45.05 -0.95 28.68
N ASP C 313 -44.23 -1.98 28.87
CA ASP C 313 -43.23 -1.95 29.93
C ASP C 313 -41.82 -1.89 29.36
N LEU C 314 -41.69 -2.27 28.10
CA LEU C 314 -40.38 -2.29 27.46
C LEU C 314 -40.03 -0.91 26.92
N ASN C 315 -41.00 0.00 26.99
CA ASN C 315 -40.79 1.42 26.70
C ASN C 315 -40.33 1.73 25.27
N ALA C 316 -40.19 3.02 24.98
CA ALA C 316 -39.74 3.49 23.68
C ALA C 316 -38.35 4.11 23.80
N ASN C 317 -37.52 3.88 22.79
CA ASN C 317 -36.15 4.39 22.80
C ASN C 317 -35.98 5.64 21.95
N SER C 318 -35.13 6.55 22.41
CA SER C 318 -34.88 7.81 21.71
C SER C 318 -34.16 7.57 20.38
N THR C 327 -30.38 15.55 12.60
CA THR C 327 -29.82 15.10 11.33
C THR C 327 -28.55 14.28 11.56
N ASP C 328 -28.10 14.25 12.81
CA ASP C 328 -26.93 13.45 13.19
C ASP C 328 -27.29 11.98 13.33
N ASN C 329 -28.57 11.67 13.13
CA ASN C 329 -29.04 10.29 13.20
C ASN C 329 -28.52 9.44 12.05
N LYS C 330 -28.47 10.00 10.85
CA LYS C 330 -28.03 9.27 9.66
C LYS C 330 -26.65 8.67 9.81
N SER C 331 -25.79 9.35 10.58
CA SER C 331 -24.44 8.87 10.78
C SER C 331 -24.39 7.87 11.93
N GLU C 332 -25.31 8.03 12.88
CA GLU C 332 -25.28 7.23 14.10
C GLU C 332 -26.29 6.09 14.11
N THR C 333 -27.46 6.32 13.51
CA THR C 333 -28.49 5.28 13.48
C THR C 333 -28.24 4.26 12.37
N PHE C 334 -27.85 4.75 11.20
CA PHE C 334 -27.56 3.88 10.05
C PHE C 334 -26.39 2.95 10.35
N ASN C 335 -25.39 3.47 11.05
CA ASN C 335 -24.23 2.67 11.44
C ASN C 335 -24.59 1.59 12.44
N LYS C 336 -25.60 1.87 13.25
CA LYS C 336 -26.13 0.87 14.18
C LYS C 336 -26.85 -0.22 13.39
N ILE C 337 -27.54 0.18 12.32
CA ILE C 337 -28.19 -0.78 11.43
C ILE C 337 -27.12 -1.53 10.64
N MLY C 338 -26.07 -0.81 10.25
CA MLY C 338 -24.98 -1.37 9.47
CB MLY C 338 -24.06 -0.24 8.96
CG MLY C 338 -22.93 -0.71 8.08
CD MLY C 338 -22.04 0.46 7.69
CE MLY C 338 -20.90 0.01 6.79
NZ MLY C 338 -19.96 1.13 6.47
CH1 MLY C 338 -18.70 0.51 6.08
CH2 MLY C 338 -20.51 1.83 5.30
C MLY C 338 -24.17 -2.39 10.25
O MLY C 338 -23.79 -3.43 9.74
N LEU C 339 -23.92 -2.08 11.53
CA LEU C 339 -23.20 -2.98 12.42
C LEU C 339 -24.01 -4.25 12.69
N LEU C 340 -25.30 -4.07 12.95
CA LEU C 340 -26.19 -5.20 13.21
C LEU C 340 -26.35 -6.06 11.97
N ALA C 341 -26.34 -5.42 10.80
CA ALA C 341 -26.39 -6.13 9.54
C ALA C 341 -25.11 -6.92 9.31
N MET C 342 -24.00 -6.40 9.85
CA MET C 342 -22.72 -7.09 9.74
C MET C 342 -22.68 -8.34 10.60
N LYS C 343 -23.30 -8.28 11.78
CA LYS C 343 -23.32 -9.43 12.66
C LYS C 343 -24.21 -10.54 12.10
N LYS C 344 -25.31 -10.15 11.47
CA LYS C 344 -26.23 -11.12 10.87
C LYS C 344 -25.59 -11.78 9.64
N PHE C 345 -24.89 -10.99 8.84
CA PHE C 345 -24.21 -11.49 7.65
C PHE C 345 -22.71 -11.20 7.75
N PRO C 346 -21.99 -11.99 8.56
CA PRO C 346 -20.57 -11.72 8.83
C PRO C 346 -19.65 -12.01 7.63
N THR C 347 -20.02 -12.99 6.81
CA THR C 347 -19.17 -13.40 5.69
C THR C 347 -19.37 -12.50 4.47
N HIS C 348 -20.39 -11.65 4.52
CA HIS C 348 -20.75 -10.82 3.38
C HIS C 348 -20.03 -9.48 3.38
N PHE C 349 -19.91 -8.86 4.54
CA PHE C 349 -19.38 -7.50 4.63
C PHE C 349 -17.88 -7.44 4.90
N HIS C 350 -17.11 -7.23 3.84
CA HIS C 350 -15.68 -6.99 3.94
C HIS C 350 -15.34 -5.68 3.24
N TYR C 351 -14.83 -4.70 4.00
CA TYR C 351 -14.56 -3.38 3.45
C TYR C 351 -13.09 -3.05 3.34
N TYR C 352 -12.77 -2.11 2.45
CA TYR C 352 -11.42 -1.62 2.28
C TYR C 352 -10.99 -0.80 3.50
N MLY C 353 -9.80 -1.09 4.03
CA MLY C 353 -9.28 -0.34 5.16
CB MLY C 353 -8.52 -1.27 6.11
CG MLY C 353 -9.32 -1.72 7.31
CD MLY C 353 -9.52 -3.22 7.31
CE MLY C 353 -8.21 -3.96 7.08
NZ MLY C 353 -8.32 -5.41 7.40
CH1 MLY C 353 -7.45 -6.13 6.47
CH2 MLY C 353 -7.77 -5.57 8.75
C MLY C 353 -8.39 0.80 4.70
O MLY C 353 -7.50 0.62 3.86
N ASN C 354 -8.63 1.99 5.27
CA ASN C 354 -7.86 3.18 4.92
C ASN C 354 -6.39 3.07 5.31
N GLU C 355 -6.13 2.40 6.42
CA GLU C 355 -4.77 2.24 6.92
C GLU C 355 -3.91 1.42 5.96
N ASP C 356 -4.52 0.41 5.34
CA ASP C 356 -3.81 -0.50 4.46
C ASP C 356 -3.35 0.16 3.17
N LYS C 357 -2.06 0.04 2.88
CA LYS C 357 -1.49 0.52 1.62
C LYS C 357 -0.86 -0.64 0.86
N HIS C 358 -1.12 -1.84 1.36
CA HIS C 358 -0.68 -3.06 0.70
C HIS C 358 -1.90 -3.79 0.14
N ASN C 359 -1.67 -4.82 -0.65
CA ASN C 359 -2.77 -5.60 -1.22
C ASN C 359 -3.11 -6.79 -0.33
N PRO C 360 -4.24 -6.70 0.39
CA PRO C 360 -4.63 -7.71 1.37
C PRO C 360 -4.90 -9.07 0.72
N SER C 361 -4.31 -10.13 1.28
CA SER C 361 -4.57 -11.48 0.81
C SER C 361 -6.03 -11.84 1.06
N PRO C 362 -6.57 -12.79 0.29
CA PRO C 362 -7.95 -13.26 0.50
C PRO C 362 -8.18 -13.73 1.93
N GLU C 363 -7.17 -14.35 2.53
CA GLU C 363 -7.26 -14.83 3.90
C GLU C 363 -7.29 -13.67 4.88
N GLU C 364 -6.55 -12.61 4.55
CA GLU C 364 -6.51 -11.41 5.39
C GLU C 364 -7.84 -10.68 5.36
N ILE C 365 -8.55 -10.80 4.24
CA ILE C 365 -9.87 -10.19 4.11
C ILE C 365 -10.91 -11.01 4.87
N MLY C 366 -10.74 -12.33 4.87
CA MLY C 366 -11.63 -13.22 5.58
CB MLY C 366 -11.47 -14.67 5.10
CG MLY C 366 -11.95 -14.89 3.67
CD MLY C 366 -11.98 -16.36 3.30
CE MLY C 366 -10.58 -16.93 3.17
NZ MLY C 366 -10.56 -18.23 2.45
CH1 MLY C 366 -9.17 -18.71 2.44
CH2 MLY C 366 -11.34 -19.19 3.25
C MLY C 366 -11.43 -13.14 7.09
O MLY C 366 -12.20 -13.72 7.87
N GLN C 367 -10.41 -12.40 7.52
CA GLN C 367 -10.17 -12.14 8.93
C GLN C 367 -11.17 -11.14 9.47
N GLN C 368 -11.68 -10.28 8.59
CA GLN C 368 -12.70 -9.31 8.97
C GLN C 368 -14.01 -9.97 9.37
N THR C 369 -14.23 -11.19 8.89
CA THR C 369 -15.46 -11.92 9.17
C THR C 369 -15.60 -12.22 10.66
N ILE C 370 -14.52 -12.69 11.26
CA ILE C 370 -14.49 -13.03 12.68
C ILE C 370 -14.82 -11.80 13.52
N LEU C 371 -14.32 -10.64 13.11
CA LEU C 371 -14.57 -9.37 13.80
C LEU C 371 -16.05 -9.05 13.83
N ASN C 372 -16.76 -9.41 12.77
CA ASN C 372 -18.19 -9.14 12.66
C ASN C 372 -19.01 -9.99 13.63
N ASN C 373 -18.66 -11.27 13.71
CA ASN C 373 -19.32 -12.17 14.65
C ASN C 373 -19.06 -11.76 16.10
N ASN C 374 -17.87 -11.22 16.35
CA ASN C 374 -17.51 -10.76 17.68
C ASN C 374 -17.63 -9.24 17.79
N ALA C 375 -18.78 -8.71 17.40
CA ALA C 375 -19.04 -7.27 17.48
C ALA C 375 -20.15 -6.98 18.48
N ALA C 376 -20.13 -5.79 19.06
CA ALA C 376 -21.10 -5.41 20.07
C ALA C 376 -22.02 -4.29 19.59
N SER C 377 -23.32 -4.56 19.61
CA SER C 377 -24.33 -3.59 19.21
C SER C 377 -24.81 -2.81 20.43
N SER C 378 -25.18 -1.55 20.20
CA SER C 378 -25.57 -0.66 21.29
C SER C 378 -26.94 -1.04 21.86
N LEU C 379 -27.85 -1.42 20.98
CA LEU C 379 -29.21 -1.76 21.38
C LEU C 379 -29.26 -3.10 22.13
N PRO C 380 -29.73 -3.06 23.38
CA PRO C 380 -29.77 -4.26 24.25
C PRO C 380 -31.03 -5.12 24.09
N GLU C 381 -32.11 -4.75 24.76
CA GLU C 381 -33.35 -5.51 24.74
C GLU C 381 -33.89 -5.68 23.32
N GLU C 382 -33.57 -4.72 22.47
CA GLU C 382 -33.99 -4.73 21.07
C GLU C 382 -33.26 -5.82 20.29
N LEU C 383 -32.01 -6.07 20.67
CA LEU C 383 -31.18 -7.01 19.94
C LEU C 383 -31.65 -8.46 20.11
N LEU C 384 -32.04 -8.80 21.33
CA LEU C 384 -32.35 -10.18 21.69
C LEU C 384 -33.72 -10.65 21.20
N ASN C 385 -34.71 -9.75 21.25
CA ASN C 385 -36.07 -10.13 20.88
C ASN C 385 -36.22 -10.37 19.38
N ALA C 386 -35.54 -9.56 18.57
CA ALA C 386 -35.56 -9.73 17.12
C ALA C 386 -34.69 -10.93 16.73
N LEU C 387 -33.64 -11.16 17.51
CA LEU C 387 -32.76 -12.31 17.30
C LEU C 387 -33.53 -13.61 17.52
N ASP C 388 -34.48 -13.56 18.45
CA ASP C 388 -35.31 -14.71 18.75
C ASP C 388 -36.49 -14.79 17.79
N CYS D 5 -52.94 19.27 -23.81
CA CYS D 5 -51.55 19.22 -24.24
C CYS D 5 -50.61 19.25 -23.03
N LEU D 6 -49.40 18.71 -23.23
CA LEU D 6 -48.43 18.64 -22.15
C LEU D 6 -47.52 19.86 -22.13
N THR D 7 -47.66 20.69 -21.10
CA THR D 7 -46.86 21.90 -20.98
C THR D 7 -46.18 22.02 -19.62
N ARG D 8 -45.40 23.08 -19.44
CA ARG D 8 -44.71 23.33 -18.18
C ARG D 8 -45.69 23.51 -17.03
N SER D 9 -46.74 24.29 -17.28
CA SER D 9 -47.70 24.64 -16.24
C SER D 9 -48.51 23.43 -15.74
N ASN D 10 -48.99 22.63 -16.68
CA ASN D 10 -49.79 21.46 -16.34
C ASN D 10 -49.04 20.47 -15.47
N LEU D 11 -47.75 20.29 -15.79
CA LEU D 11 -46.90 19.40 -15.03
C LEU D 11 -46.72 19.91 -13.60
N LYS D 12 -46.57 21.22 -13.47
CA LYS D 12 -46.41 21.86 -12.17
C LYS D 12 -47.63 21.60 -11.29
N LYS D 13 -48.82 21.79 -11.86
CA LYS D 13 -50.07 21.55 -11.13
C LYS D 13 -50.18 20.10 -10.69
N LEU D 14 -49.80 19.19 -11.57
CA LEU D 14 -49.86 17.75 -11.28
C LEU D 14 -48.95 17.40 -10.11
N GLN D 15 -47.69 17.82 -10.19
CA GLN D 15 -46.72 17.55 -9.14
C GLN D 15 -47.10 18.23 -7.83
N GLU D 16 -47.71 19.41 -7.93
CA GLU D 16 -48.14 20.14 -6.74
C GLU D 16 -49.15 19.35 -5.93
N LYS D 17 -50.18 18.84 -6.59
CA LYS D 17 -51.21 18.06 -5.91
C LYS D 17 -50.66 16.71 -5.45
N ILE D 18 -49.82 16.11 -6.29
CA ILE D 18 -49.19 14.83 -5.95
C ILE D 18 -48.30 14.97 -4.72
N PHE D 19 -47.41 15.96 -4.73
CA PHE D 19 -46.52 16.22 -3.60
C PHE D 19 -47.32 16.59 -2.35
N ASP D 20 -48.42 17.32 -2.56
CA ASP D 20 -49.29 17.71 -1.47
C ASP D 20 -49.93 16.48 -0.82
N ARG D 21 -50.42 15.56 -1.66
CA ARG D 21 -51.07 14.36 -1.16
C ARG D 21 -50.06 13.34 -0.65
N GLU D 22 -48.81 13.46 -1.09
CA GLU D 22 -47.75 12.60 -0.60
C GLU D 22 -47.29 13.06 0.78
N LEU D 23 -47.21 14.37 0.95
CA LEU D 23 -46.69 14.97 2.17
C LEU D 23 -47.61 14.80 3.37
N ASN D 24 -48.90 15.10 3.18
CA ASN D 24 -49.82 15.18 4.31
C ASN D 24 -51.02 14.25 4.27
N ASP D 25 -50.99 13.24 3.40
CA ASP D 25 -52.17 12.40 3.23
C ASP D 25 -51.87 10.91 3.15
N ILE D 26 -50.71 10.49 3.63
CA ILE D 26 -50.41 9.07 3.73
C ILE D 26 -50.54 8.62 5.18
N ALA D 27 -51.74 8.19 5.54
CA ALA D 27 -52.05 7.84 6.92
C ALA D 27 -52.01 6.33 7.16
N CYS D 28 -50.81 5.75 7.04
CA CYS D 28 -50.61 4.35 7.36
C CYS D 28 -49.64 4.21 8.52
N ASP D 29 -49.78 3.13 9.29
CA ASP D 29 -48.96 2.93 10.49
C ASP D 29 -47.54 2.48 10.17
N HIS D 30 -47.27 2.20 8.89
CA HIS D 30 -45.96 1.73 8.47
C HIS D 30 -44.89 2.79 8.70
N CYS D 31 -43.69 2.36 9.06
CA CYS D 31 -42.58 3.28 9.30
C CYS D 31 -41.95 3.73 7.99
N LEU D 32 -41.81 2.80 7.06
CA LEU D 32 -41.19 3.10 5.77
C LEU D 32 -41.99 4.13 4.98
N CYS D 33 -43.31 4.02 5.05
CA CYS D 33 -44.21 4.94 4.35
C CYS D 33 -44.33 6.26 5.10
N SER D 34 -43.99 6.24 6.38
CA SER D 34 -44.12 7.42 7.25
C SER D 34 -43.21 8.56 6.80
N THR D 35 -43.64 9.79 7.11
CA THR D 35 -42.88 10.98 6.76
C THR D 35 -41.58 11.04 7.55
N GLU D 36 -41.60 10.47 8.76
CA GLU D 36 -40.43 10.42 9.62
C GLU D 36 -39.26 9.72 8.93
N ASN D 37 -39.55 8.63 8.24
CA ASN D 37 -38.51 7.91 7.51
C ASN D 37 -38.14 8.61 6.22
N ARG D 38 -39.11 9.30 5.62
CA ARG D 38 -38.87 10.07 4.41
C ARG D 38 -37.92 11.23 4.69
N ARG D 39 -37.98 11.74 5.92
CA ARG D 39 -37.11 12.84 6.33
C ARG D 39 -35.67 12.37 6.50
N ASP D 40 -35.51 11.09 6.81
CA ASP D 40 -34.18 10.52 6.99
C ASP D 40 -33.51 10.18 5.67
N ILE D 41 -34.31 10.08 4.61
CA ILE D 41 -33.78 9.77 3.29
C ILE D 41 -33.48 11.05 2.51
N LYS D 42 -32.24 11.17 2.05
CA LYS D 42 -31.81 12.38 1.36
C LYS D 42 -32.35 12.44 -0.07
N TYR D 43 -32.22 11.33 -0.80
CA TYR D 43 -32.68 11.26 -2.17
C TYR D 43 -34.07 10.66 -2.28
N SER D 44 -34.98 11.39 -2.92
CA SER D 44 -36.37 10.94 -3.07
C SER D 44 -36.48 9.63 -3.83
N ARG D 45 -35.50 9.36 -4.69
CA ARG D 45 -35.47 8.11 -5.45
C ARG D 45 -35.22 6.90 -4.56
N LEU D 46 -34.47 7.10 -3.48
CA LEU D 46 -34.11 6.01 -2.57
C LEU D 46 -35.30 5.55 -1.74
N TRP D 47 -36.29 6.42 -1.57
CA TRP D 47 -37.49 6.06 -0.83
C TRP D 47 -38.56 5.50 -1.74
N PHE D 48 -38.84 6.20 -2.83
CA PHE D 48 -39.94 5.85 -3.73
C PHE D 48 -39.64 4.61 -4.57
N LEU D 49 -38.42 4.51 -5.07
CA LEU D 49 -38.06 3.44 -6.00
C LEU D 49 -37.34 2.27 -5.34
N PHE D 50 -36.88 2.45 -4.12
CA PHE D 50 -36.07 1.41 -3.47
C PHE D 50 -36.69 0.89 -2.18
N GLU D 51 -37.05 1.78 -1.26
CA GLU D 51 -37.55 1.36 0.04
C GLU D 51 -39.03 0.96 0.01
N LEU D 52 -39.77 1.45 -0.97
CA LEU D 52 -41.18 1.09 -1.10
C LEU D 52 -41.34 -0.27 -1.78
N GLU D 53 -40.22 -0.89 -2.12
CA GLU D 53 -40.23 -2.21 -2.75
C GLU D 53 -40.61 -3.30 -1.76
N MET D 54 -40.43 -3.03 -0.48
CA MET D 54 -40.75 -3.98 0.59
C MET D 54 -42.25 -4.24 0.65
N SER D 55 -42.63 -5.39 1.20
CA SER D 55 -44.04 -5.73 1.35
C SER D 55 -44.37 -6.06 2.80
N GLU D 56 -45.38 -5.38 3.34
CA GLU D 56 -45.78 -5.58 4.72
C GLU D 56 -46.67 -6.81 4.88
N ASN D 57 -47.50 -7.06 3.88
CA ASN D 57 -48.44 -8.19 3.93
C ASN D 57 -48.02 -9.34 3.02
N TRP D 58 -46.83 -9.22 2.43
CA TRP D 58 -46.26 -10.24 1.54
C TRP D 58 -47.12 -10.49 0.30
N ASN D 59 -48.05 -9.59 0.02
CA ASN D 59 -48.92 -9.71 -1.14
C ASN D 59 -48.70 -8.57 -2.12
N GLU D 60 -48.63 -7.35 -1.58
CA GLU D 60 -48.37 -6.16 -2.37
C GLU D 60 -47.19 -5.39 -1.78
N ASN D 61 -46.38 -4.78 -2.64
CA ASN D 61 -45.31 -3.91 -2.16
C ASN D 61 -45.91 -2.61 -1.62
N LEU D 62 -45.12 -1.84 -0.88
CA LEU D 62 -45.62 -0.66 -0.20
C LEU D 62 -46.01 0.46 -1.15
N ARG D 63 -45.40 0.50 -2.33
CA ARG D 63 -45.71 1.54 -3.30
C ARG D 63 -47.10 1.33 -3.90
N LEU D 64 -47.54 0.08 -3.94
CA LEU D 64 -48.85 -0.25 -4.48
C LEU D 64 -49.95 -0.15 -3.42
N SER D 65 -49.68 -0.70 -2.24
CA SER D 65 -50.68 -0.75 -1.18
C SER D 65 -50.90 0.60 -0.51
N CYS D 66 -49.85 1.41 -0.44
CA CYS D 66 -49.91 2.67 0.28
C CYS D 66 -49.86 3.90 -0.63
N TYR D 67 -48.80 4.03 -1.42
CA TYR D 67 -48.63 5.23 -2.23
C TYR D 67 -49.70 5.32 -3.31
N ASN D 68 -50.00 4.21 -3.96
CA ASN D 68 -51.01 4.19 -5.02
C ASN D 68 -52.40 4.48 -4.49
N MLY D 69 -52.68 4.05 -3.26
CA MLY D 69 -54.00 4.21 -2.67
CB MLY D 69 -54.24 3.14 -1.59
CG MLY D 69 -55.67 3.07 -1.10
CD MLY D 69 -55.80 2.30 0.20
CE MLY D 69 -57.25 2.03 0.55
NZ MLY D 69 -57.44 1.51 1.93
CH1 MLY D 69 -58.76 0.86 1.96
CH2 MLY D 69 -56.43 0.47 2.18
C MLY D 69 -54.21 5.60 -2.08
O MLY D 69 -55.31 6.15 -2.16
N TYR D 70 -53.17 6.15 -1.48
CA TYR D 70 -53.28 7.41 -0.76
C TYR D 70 -52.95 8.64 -1.62
N VAL D 71 -52.18 8.42 -2.68
CA VAL D 71 -51.75 9.53 -3.53
C VAL D 71 -52.38 9.48 -4.92
N TYR D 72 -52.23 8.34 -5.60
CA TYR D 72 -52.68 8.21 -6.97
C TYR D 72 -54.18 7.91 -7.08
N SER D 73 -54.71 7.17 -6.11
CA SER D 73 -56.12 6.77 -6.16
C SER D 73 -57.06 7.92 -5.85
N ALA D 74 -56.60 8.88 -5.07
CA ALA D 74 -57.42 10.03 -4.69
C ALA D 74 -57.60 10.99 -5.86
N ILE D 75 -56.54 11.16 -6.65
CA ILE D 75 -56.60 11.97 -7.85
C ILE D 75 -57.55 11.32 -8.87
N ASP D 76 -57.41 10.01 -9.03
CA ASP D 76 -58.29 9.24 -9.91
C ASP D 76 -58.42 7.81 -9.39
N GLU D 77 -59.66 7.37 -9.21
CA GLU D 77 -59.93 6.03 -8.72
C GLU D 77 -59.62 4.98 -9.79
N SER D 78 -59.59 5.42 -11.05
CA SER D 78 -59.34 4.53 -12.17
C SER D 78 -57.86 4.29 -12.41
N TRP D 79 -57.02 5.02 -11.68
CA TRP D 79 -55.57 4.92 -11.82
C TRP D 79 -55.10 3.54 -11.36
N MLY D 80 -54.76 2.67 -12.31
CA MLY D 80 -54.40 1.30 -11.99
CB MLY D 80 -55.05 0.33 -12.97
CG MLY D 80 -55.05 -1.11 -12.47
CD MLY D 80 -54.91 -2.12 -13.60
CE MLY D 80 -54.77 -3.52 -13.04
NZ MLY D 80 -54.45 -4.53 -14.09
CH1 MLY D 80 -54.12 -5.78 -13.39
CH2 MLY D 80 -55.68 -4.76 -14.84
C MLY D 80 -52.88 1.06 -11.96
O MLY D 80 -52.14 1.62 -12.77
N MET D 81 -52.45 0.23 -11.02
CA MET D 81 -51.05 -0.16 -10.91
C MET D 81 -50.95 -1.67 -10.73
N GLU D 82 -50.22 -2.34 -11.61
CA GLU D 82 -50.07 -3.78 -11.53
C GLU D 82 -49.23 -4.19 -10.32
N ASN D 83 -49.35 -5.45 -9.94
CA ASN D 83 -48.55 -5.99 -8.84
C ASN D 83 -47.27 -6.61 -9.38
N ILE D 84 -46.14 -5.96 -9.11
CA ILE D 84 -44.86 -6.41 -9.63
C ILE D 84 -44.32 -7.64 -8.89
N LEU D 85 -44.88 -7.91 -7.72
CA LEU D 85 -44.48 -9.08 -6.94
C LEU D 85 -45.03 -10.37 -7.52
N LEU D 86 -46.25 -10.31 -8.03
CA LEU D 86 -46.91 -11.48 -8.60
C LEU D 86 -46.28 -11.87 -9.94
N LYS D 87 -45.52 -10.95 -10.51
CA LYS D 87 -44.94 -11.14 -11.83
C LYS D 87 -43.97 -12.33 -11.89
N GLU D 88 -43.78 -12.86 -13.10
CA GLU D 88 -42.90 -13.99 -13.32
C GLU D 88 -41.43 -13.59 -13.29
N GLN D 89 -40.60 -14.44 -12.69
CA GLN D 89 -39.16 -14.29 -12.77
C GLN D 89 -38.71 -14.45 -14.22
N GLU D 90 -38.49 -13.32 -14.90
CA GLU D 90 -38.11 -13.32 -16.30
C GLU D 90 -36.79 -14.04 -16.50
N LYS D 91 -36.58 -14.59 -17.70
CA LYS D 91 -35.41 -15.40 -17.97
C LYS D 91 -34.15 -14.57 -18.17
N HIS D 92 -34.29 -13.43 -18.83
CA HIS D 92 -33.13 -12.60 -19.15
C HIS D 92 -32.78 -11.61 -18.04
N TYR D 93 -33.07 -11.99 -16.81
CA TYR D 93 -32.71 -11.18 -15.64
C TYR D 93 -32.06 -12.04 -14.57
N GLU D 94 -31.16 -11.44 -13.80
CA GLU D 94 -30.52 -12.13 -12.69
C GLU D 94 -31.57 -12.56 -11.69
N TYR D 95 -31.36 -13.72 -11.05
CA TYR D 95 -32.33 -14.25 -10.11
C TYR D 95 -32.53 -13.29 -8.94
N PHE D 96 -33.80 -13.08 -8.59
CA PHE D 96 -34.15 -12.16 -7.52
C PHE D 96 -34.73 -12.91 -6.32
N PRO D 97 -33.96 -12.98 -5.23
CA PRO D 97 -34.43 -13.61 -3.99
C PRO D 97 -35.56 -12.80 -3.36
N ILE D 98 -36.78 -13.33 -3.42
CA ILE D 98 -37.96 -12.59 -2.95
C ILE D 98 -37.97 -12.39 -1.43
N GLY D 99 -37.10 -13.13 -0.74
CA GLY D 99 -37.04 -13.05 0.71
C GLY D 99 -36.57 -11.69 1.21
N GLN D 100 -35.88 -10.94 0.35
CA GLN D 100 -35.34 -9.65 0.74
C GLN D 100 -36.44 -8.60 0.88
N LEU D 101 -37.54 -8.79 0.17
CA LEU D 101 -38.63 -7.82 0.17
C LEU D 101 -39.62 -8.06 1.30
N LEU D 102 -39.73 -9.31 1.73
CA LEU D 102 -40.69 -9.68 2.77
C LEU D 102 -40.20 -9.24 4.15
N ILE D 103 -41.06 -8.53 4.88
CA ILE D 103 -40.70 -8.02 6.20
C ILE D 103 -41.07 -9.01 7.31
N PRO D 104 -40.07 -9.41 8.11
CA PRO D 104 -40.27 -10.39 9.19
C PRO D 104 -40.98 -9.79 10.39
N ASN D 105 -41.76 -10.62 11.09
CA ASN D 105 -42.45 -10.18 12.30
C ASN D 105 -41.51 -10.16 13.50
ZN ZN E . 49.92 7.29 4.77
ZN ZN F . -47.63 2.32 4.35
#